data_5N5A
#
_entry.id   5N5A
#
_entity_poly.entity_id   1
_entity_poly.type   'polypeptide(L)'
_entity_poly.pdbx_seq_one_letter_code
;KNVKSKIGSTENLKHQPGGGKVQIINKKLDLSNVQSK
;
_entity_poly.pdbx_strand_id   A
#
# COMPACT_ATOMS: atom_id res chain seq x y z
N LYS A 1 -29.29 -0.86 21.07
CA LYS A 1 -27.94 -0.86 20.50
C LYS A 1 -27.50 0.36 19.75
N ASN A 2 -26.79 1.22 20.46
CA ASN A 2 -26.13 2.31 19.82
C ASN A 2 -24.73 1.76 19.61
N VAL A 3 -24.63 0.46 19.97
CA VAL A 3 -23.39 -0.30 19.84
C VAL A 3 -23.59 -1.42 18.85
N LYS A 4 -22.65 -1.53 17.95
CA LYS A 4 -22.71 -2.55 16.93
C LYS A 4 -21.37 -2.73 16.20
N SER A 5 -21.42 -2.77 14.87
CA SER A 5 -20.23 -2.97 14.05
C SER A 5 -19.16 -1.95 14.37
N LYS A 6 -19.58 -0.73 14.73
CA LYS A 6 -18.63 0.34 15.06
C LYS A 6 -18.28 1.14 13.81
N ILE A 7 -17.00 1.13 13.51
CA ILE A 7 -16.45 1.81 12.36
C ILE A 7 -15.05 1.28 12.21
N GLY A 8 -14.74 0.37 13.16
CA GLY A 8 -13.46 -0.29 13.17
C GLY A 8 -13.25 -0.92 11.83
N SER A 9 -14.36 -1.30 11.24
CA SER A 9 -14.30 -1.94 9.92
C SER A 9 -13.60 -1.01 8.91
N THR A 10 -13.80 0.29 9.08
CA THR A 10 -13.18 1.29 8.22
C THR A 10 -11.66 1.22 8.34
N GLU A 11 -11.23 0.90 9.54
CA GLU A 11 -9.82 0.82 9.90
C GLU A 11 -9.14 -0.15 9.02
N ASN A 12 -9.87 -1.12 8.58
CA ASN A 12 -9.25 -2.10 7.78
C ASN A 12 -8.52 -1.41 6.63
N LEU A 13 -9.06 -0.35 6.07
CA LEU A 13 -8.36 0.31 4.96
C LEU A 13 -7.59 1.56 5.34
N LYS A 14 -7.83 2.11 6.52
CA LYS A 14 -7.04 3.26 6.90
C LYS A 14 -5.59 2.86 6.91
N HIS A 15 -5.34 1.62 7.30
CA HIS A 15 -3.97 1.13 7.34
C HIS A 15 -3.40 0.97 5.93
N GLN A 16 -4.30 0.87 4.94
CA GLN A 16 -3.89 0.74 3.55
C GLN A 16 -3.02 -0.49 3.34
N PRO A 17 -3.60 -1.65 3.51
CA PRO A 17 -2.84 -2.89 3.33
C PRO A 17 -2.26 -2.92 1.93
N GLY A 18 -1.05 -3.42 1.78
CA GLY A 18 -0.44 -3.43 0.46
C GLY A 18 0.09 -2.03 0.13
N GLY A 19 1.08 -1.57 0.89
CA GLY A 19 1.59 -0.23 0.71
C GLY A 19 1.93 0.08 -0.74
N GLY A 20 2.43 -0.88 -1.51
CA GLY A 20 2.68 -0.58 -2.91
C GLY A 20 1.35 -0.55 -3.59
N LYS A 21 1.08 0.55 -4.26
CA LYS A 21 -0.13 0.71 -4.96
C LYS A 21 0.17 0.50 -6.41
N VAL A 22 -0.84 0.29 -7.19
CA VAL A 22 -0.65 0.12 -8.61
C VAL A 22 0.29 1.22 -9.11
N GLN A 23 0.59 2.18 -8.23
CA GLN A 23 1.40 3.28 -8.49
C GLN A 23 2.82 2.84 -8.39
N ILE A 24 3.09 1.51 -8.42
CA ILE A 24 4.47 1.02 -8.26
C ILE A 24 5.41 1.89 -9.06
N ILE A 25 4.80 2.66 -9.96
CA ILE A 25 5.52 3.68 -10.66
C ILE A 25 5.87 4.69 -9.57
N ASN A 26 5.38 4.34 -8.36
CA ASN A 26 5.54 5.17 -7.18
C ASN A 26 7.01 5.50 -7.03
N LYS A 27 7.82 4.50 -7.35
CA LYS A 27 9.27 4.64 -7.37
C LYS A 27 9.66 4.97 -8.80
N LYS A 28 8.65 4.93 -9.66
CA LYS A 28 8.80 5.18 -11.08
C LYS A 28 9.66 4.06 -11.65
N LEU A 29 9.18 2.85 -11.41
CA LEU A 29 9.86 1.62 -11.81
C LEU A 29 10.13 1.61 -13.32
N ASP A 30 9.21 2.16 -14.10
CA ASP A 30 9.42 2.14 -15.55
C ASP A 30 10.37 3.22 -16.02
N LEU A 31 11.47 2.69 -16.55
CA LEU A 31 12.54 3.46 -17.12
C LEU A 31 12.37 3.43 -18.62
N SER A 32 12.57 4.55 -19.28
CA SER A 32 12.40 4.59 -20.72
C SER A 32 13.62 3.94 -21.33
N ASN A 33 14.42 3.33 -20.47
CA ASN A 33 15.63 2.65 -20.89
C ASN A 33 16.57 3.64 -21.58
N VAL A 34 16.70 4.80 -20.98
CA VAL A 34 17.56 5.85 -21.51
C VAL A 34 19.03 5.41 -21.43
N GLN A 35 19.35 4.30 -22.07
CA GLN A 35 20.70 3.77 -22.07
C GLN A 35 21.71 4.79 -22.57
N SER A 36 21.31 5.58 -23.57
CA SER A 36 22.19 6.60 -24.14
C SER A 36 23.59 6.04 -24.35
N LYS A 37 24.46 6.84 -24.97
CA LYS A 37 25.82 6.39 -25.22
C LYS A 37 26.42 5.74 -23.98
N LYS A 1 -29.57 -1.13 16.99
CA LYS A 1 -28.88 -1.00 18.28
C LYS A 1 -28.54 0.46 18.58
N ASN A 2 -28.48 0.79 19.86
CA ASN A 2 -28.13 2.12 20.29
C ASN A 2 -26.77 2.41 19.76
N VAL A 3 -25.96 1.37 19.85
CA VAL A 3 -24.64 1.41 19.32
C VAL A 3 -24.39 0.13 18.55
N LYS A 4 -23.78 0.31 17.43
CA LYS A 4 -23.42 -0.80 16.56
C LYS A 4 -21.97 -1.18 16.80
N SER A 5 -21.66 -2.46 16.67
CA SER A 5 -20.29 -2.94 16.87
C SER A 5 -19.35 -2.21 15.91
N LYS A 6 -19.87 -1.91 14.72
CA LYS A 6 -19.13 -1.21 13.65
C LYS A 6 -17.63 -1.25 13.97
N ILE A 7 -16.95 -0.09 13.93
CA ILE A 7 -15.51 -0.01 14.22
C ILE A 7 -14.70 -0.91 13.29
N GLY A 8 -15.20 -2.10 13.03
CA GLY A 8 -14.51 -2.98 12.12
C GLY A 8 -14.30 -2.23 10.82
N SER A 9 -15.25 -1.35 10.50
CA SER A 9 -15.13 -0.57 9.27
C SER A 9 -13.84 0.24 9.26
N THR A 10 -13.47 0.79 10.41
CA THR A 10 -12.23 1.57 10.54
C THR A 10 -11.02 0.70 10.26
N GLU A 11 -11.11 -0.57 10.61
CA GLU A 11 -10.01 -1.50 10.47
C GLU A 11 -9.54 -1.53 9.04
N ASN A 12 -10.46 -1.28 8.13
CA ASN A 12 -10.11 -1.25 6.71
C ASN A 12 -9.46 0.10 6.47
N LEU A 13 -9.20 0.82 7.58
CA LEU A 13 -8.62 2.16 7.51
C LEU A 13 -7.83 2.34 6.26
N LYS A 14 -7.76 3.58 5.81
CA LYS A 14 -7.04 3.92 4.61
C LYS A 14 -5.80 3.05 4.63
N HIS A 15 -5.91 1.90 3.98
CA HIS A 15 -4.85 0.94 4.02
C HIS A 15 -3.82 1.02 2.93
N GLN A 16 -2.60 1.03 3.43
CA GLN A 16 -1.42 0.91 2.62
C GLN A 16 -0.70 -0.19 3.39
N PRO A 17 -1.40 -1.28 3.56
CA PRO A 17 -0.94 -2.44 4.37
C PRO A 17 0.36 -3.05 3.85
N GLY A 18 0.59 -2.91 2.55
CA GLY A 18 1.80 -3.39 1.92
C GLY A 18 3.02 -2.77 2.57
N GLY A 19 2.82 -1.54 3.07
CA GLY A 19 3.90 -0.79 3.66
C GLY A 19 4.46 0.17 2.62
N GLY A 20 3.84 0.15 1.44
CA GLY A 20 4.23 1.03 0.35
C GLY A 20 3.02 1.51 -0.41
N LYS A 21 3.25 2.46 -1.28
CA LYS A 21 2.22 3.00 -2.16
C LYS A 21 2.18 2.13 -3.38
N VAL A 22 2.98 1.06 -3.31
CA VAL A 22 3.13 0.17 -4.42
C VAL A 22 3.99 0.86 -5.46
N GLN A 23 4.31 2.14 -5.17
CA GLN A 23 5.16 2.88 -6.07
C GLN A 23 6.58 2.54 -5.71
N ILE A 24 6.78 1.42 -4.94
CA ILE A 24 8.13 0.99 -4.44
C ILE A 24 9.23 1.74 -5.16
N ILE A 25 8.99 2.05 -6.42
CA ILE A 25 9.88 2.92 -7.15
C ILE A 25 9.81 4.24 -6.38
N ASN A 26 8.96 4.25 -5.32
CA ASN A 26 8.76 5.42 -4.51
C ASN A 26 10.14 5.87 -4.06
N LYS A 27 10.97 4.88 -3.75
CA LYS A 27 12.35 5.10 -3.38
C LYS A 27 13.17 5.07 -4.64
N LYS A 28 12.45 4.82 -5.71
CA LYS A 28 13.04 4.68 -7.02
C LYS A 28 13.93 3.46 -7.01
N LEU A 29 13.36 2.36 -6.53
CA LEU A 29 14.07 1.10 -6.43
C LEU A 29 14.61 0.78 -7.81
N ASP A 30 13.85 1.11 -8.84
CA ASP A 30 14.37 0.86 -10.17
C ASP A 30 15.35 1.97 -10.48
N LEU A 31 16.59 1.56 -10.54
CA LEU A 31 17.72 2.43 -10.77
C LEU A 31 18.20 2.27 -12.19
N SER A 32 18.62 3.37 -12.79
CA SER A 32 19.10 3.32 -14.14
C SER A 32 20.44 2.61 -14.09
N ASN A 33 20.70 2.01 -12.92
CA ASN A 33 21.91 1.26 -12.68
C ASN A 33 23.13 2.12 -12.80
N VAL A 34 23.06 3.31 -12.20
CA VAL A 34 24.19 4.19 -12.26
C VAL A 34 25.34 3.48 -11.57
N GLN A 35 26.46 3.42 -12.26
CA GLN A 35 27.62 2.73 -11.75
C GLN A 35 28.88 3.49 -12.15
N SER A 36 30.01 3.17 -11.54
CA SER A 36 31.23 3.88 -11.88
C SER A 36 31.45 3.79 -13.38
N LYS A 37 31.06 2.65 -13.97
CA LYS A 37 31.17 2.42 -15.41
C LYS A 37 30.85 0.97 -15.75
N LYS A 1 -28.03 -0.15 19.65
CA LYS A 1 -26.88 0.76 19.66
C LYS A 1 -25.84 0.25 18.67
N ASN A 2 -25.52 1.06 17.66
CA ASN A 2 -24.55 0.66 16.64
C ASN A 2 -23.11 0.95 17.06
N VAL A 3 -22.94 1.40 18.29
CA VAL A 3 -21.62 1.68 18.84
C VAL A 3 -20.74 0.43 18.79
N LYS A 4 -21.40 -0.71 18.92
CA LYS A 4 -20.72 -2.02 18.96
C LYS A 4 -19.63 -2.24 17.89
N SER A 5 -19.68 -3.42 17.28
CA SER A 5 -18.71 -3.86 16.27
C SER A 5 -18.58 -2.95 15.05
N LYS A 6 -19.66 -2.31 14.63
CA LYS A 6 -19.58 -1.50 13.41
C LYS A 6 -18.60 -0.35 13.58
N ILE A 7 -17.86 -0.14 12.49
CA ILE A 7 -16.80 0.86 12.34
C ILE A 7 -15.54 0.16 11.85
N GLY A 8 -15.63 -1.16 11.79
CA GLY A 8 -14.55 -1.97 11.25
C GLY A 8 -14.28 -1.46 9.85
N SER A 9 -15.33 -0.90 9.28
CA SER A 9 -15.29 -0.35 7.93
C SER A 9 -14.17 0.68 7.79
N THR A 10 -13.90 1.43 8.84
CA THR A 10 -12.83 2.43 8.82
C THR A 10 -11.47 1.81 8.48
N GLU A 11 -11.27 0.63 9.04
CA GLU A 11 -10.04 -0.16 8.85
C GLU A 11 -9.85 -0.54 7.46
N ASN A 12 -10.93 -0.67 6.78
CA ASN A 12 -10.88 -1.07 5.42
C ASN A 12 -9.75 -0.41 4.72
N LEU A 13 -9.28 0.67 5.28
CA LEU A 13 -8.19 1.36 4.62
C LEU A 13 -7.28 2.07 5.59
N LYS A 14 -7.84 2.72 6.59
CA LYS A 14 -7.00 3.34 7.56
C LYS A 14 -6.12 2.26 8.12
N HIS A 15 -6.58 1.02 8.03
CA HIS A 15 -5.77 -0.06 8.55
C HIS A 15 -4.32 0.00 8.03
N GLN A 16 -4.15 0.57 6.85
CA GLN A 16 -2.85 0.70 6.16
C GLN A 16 -2.38 -0.55 5.36
N PRO A 17 -3.21 -1.57 5.15
CA PRO A 17 -2.80 -2.65 4.25
C PRO A 17 -2.43 -2.19 2.84
N GLY A 18 -1.49 -2.94 2.27
CA GLY A 18 -0.97 -2.66 0.94
C GLY A 18 -0.07 -1.43 0.93
N GLY A 19 -0.41 -0.47 0.10
CA GLY A 19 0.39 0.74 -0.05
C GLY A 19 1.35 0.58 -1.22
N GLY A 20 2.03 1.66 -1.60
CA GLY A 20 2.92 1.60 -2.75
C GLY A 20 2.04 1.76 -3.96
N LYS A 21 0.83 2.21 -3.67
CA LYS A 21 -0.19 2.36 -4.67
C LYS A 21 -0.49 0.95 -5.15
N VAL A 22 -0.08 -0.01 -4.31
CA VAL A 22 -0.27 -1.44 -4.59
C VAL A 22 0.52 -1.88 -5.84
N GLN A 23 1.45 -1.04 -6.33
CA GLN A 23 2.23 -1.40 -7.52
C GLN A 23 3.73 -1.06 -7.38
N ILE A 24 4.55 -2.03 -7.02
CA ILE A 24 6.00 -1.79 -6.93
C ILE A 24 6.50 -1.40 -8.31
N ILE A 25 5.93 -2.05 -9.30
CA ILE A 25 6.25 -1.81 -10.70
C ILE A 25 5.92 -0.36 -11.06
N ASN A 26 5.05 0.23 -10.28
CA ASN A 26 4.56 1.57 -10.58
C ASN A 26 5.66 2.48 -11.12
N LYS A 27 6.70 2.66 -10.35
CA LYS A 27 7.84 3.42 -10.78
C LYS A 27 8.43 2.72 -11.99
N LYS A 28 8.25 1.41 -11.97
CA LYS A 28 8.82 0.53 -12.96
C LYS A 28 10.27 0.60 -12.63
N LEU A 29 10.44 0.43 -11.34
CA LEU A 29 11.68 0.51 -10.64
C LEU A 29 12.72 -0.46 -11.21
N ASP A 30 12.29 -1.61 -11.70
CA ASP A 30 13.23 -2.57 -12.23
C ASP A 30 13.72 -2.13 -13.59
N LEU A 31 15.03 -1.95 -13.60
CA LEU A 31 15.80 -1.48 -14.73
C LEU A 31 16.36 -2.68 -15.47
N SER A 32 16.27 -2.62 -16.77
CA SER A 32 16.77 -3.66 -17.63
C SER A 32 18.23 -3.86 -17.33
N ASN A 33 18.74 -2.99 -16.46
CA ASN A 33 20.15 -3.00 -16.09
C ASN A 33 20.99 -2.73 -17.33
N VAL A 34 20.51 -1.75 -18.08
CA VAL A 34 21.18 -1.30 -19.28
C VAL A 34 22.59 -0.84 -18.93
N GLN A 35 22.71 -0.29 -17.73
CA GLN A 35 23.96 0.21 -17.16
C GLN A 35 24.84 0.97 -18.17
N SER A 36 26.07 0.52 -18.39
CA SER A 36 26.97 1.19 -19.31
C SER A 36 26.41 1.28 -20.72
N LYS A 37 25.70 0.22 -21.12
CA LYS A 37 25.07 0.11 -22.46
C LYS A 37 25.46 -1.23 -23.09
N LYS A 1 -27.30 0.74 19.19
CA LYS A 1 -25.90 1.11 19.30
C LYS A 1 -25.17 0.92 17.97
N ASN A 2 -24.33 1.88 17.62
CA ASN A 2 -23.57 1.80 16.37
C ASN A 2 -22.28 1.01 16.63
N VAL A 3 -22.22 0.45 17.81
CA VAL A 3 -21.07 -0.32 18.26
C VAL A 3 -20.73 -1.50 17.34
N LYS A 4 -21.71 -2.10 16.68
CA LYS A 4 -21.41 -3.28 15.88
C LYS A 4 -20.31 -3.03 14.82
N SER A 5 -20.41 -1.95 14.03
CA SER A 5 -19.33 -1.66 13.07
C SER A 5 -18.06 -1.26 13.79
N LYS A 6 -18.28 -0.64 14.94
CA LYS A 6 -17.20 -0.07 15.72
C LYS A 6 -16.46 0.86 14.81
N ILE A 7 -17.12 1.24 13.70
CA ILE A 7 -16.49 2.09 12.69
C ILE A 7 -15.14 1.51 12.29
N GLY A 8 -14.62 0.65 13.15
CA GLY A 8 -13.39 -0.04 12.92
C GLY A 8 -13.56 -0.74 11.61
N SER A 9 -14.80 -1.10 11.38
CA SER A 9 -15.11 -1.80 10.16
C SER A 9 -14.62 -0.98 8.98
N THR A 10 -14.84 0.32 9.05
CA THR A 10 -14.34 1.23 8.02
C THR A 10 -12.81 1.23 8.03
N GLU A 11 -12.29 1.14 9.25
CA GLU A 11 -10.85 1.19 9.52
C GLU A 11 -10.09 0.11 8.91
N ASN A 12 -10.68 -1.01 8.65
CA ASN A 12 -9.85 -2.02 8.11
C ASN A 12 -9.15 -1.37 6.90
N LEU A 13 -9.88 -0.57 6.21
CA LEU A 13 -9.34 0.18 5.10
C LEU A 13 -8.29 1.22 5.60
N LYS A 14 -8.58 1.83 6.77
CA LYS A 14 -7.70 2.90 7.31
C LYS A 14 -6.26 2.48 7.53
N HIS A 15 -6.03 1.26 7.96
CA HIS A 15 -4.67 0.81 8.16
C HIS A 15 -3.90 0.76 6.84
N GLN A 16 -4.62 0.71 5.72
CA GLN A 16 -3.98 0.63 4.40
C GLN A 16 -3.17 -0.63 4.31
N PRO A 17 -3.82 -1.77 4.28
CA PRO A 17 -3.08 -3.02 4.22
C PRO A 17 -2.15 -2.97 3.03
N GLY A 18 -0.96 -3.50 3.17
CA GLY A 18 -0.01 -3.41 2.07
C GLY A 18 0.39 -1.94 1.93
N GLY A 19 0.09 -1.35 0.77
CA GLY A 19 0.39 0.07 0.54
C GLY A 19 1.80 0.30 -0.01
N GLY A 20 2.24 1.56 0.04
CA GLY A 20 3.56 1.93 -0.48
C GLY A 20 3.54 2.14 -2.00
N LYS A 21 2.35 2.50 -2.52
CA LYS A 21 2.13 2.72 -3.95
C LYS A 21 2.26 1.52 -4.82
N VAL A 22 1.76 0.39 -4.37
CA VAL A 22 1.81 -0.81 -5.18
C VAL A 22 3.15 -0.96 -5.94
N GLN A 23 4.01 0.08 -5.92
CA GLN A 23 5.25 0.04 -6.59
C GLN A 23 6.28 -0.74 -5.80
N ILE A 24 5.89 -1.71 -4.97
CA ILE A 24 6.92 -2.43 -4.22
C ILE A 24 7.90 -2.93 -5.24
N ILE A 25 7.35 -3.19 -6.42
CA ILE A 25 8.12 -3.57 -7.56
C ILE A 25 9.02 -2.39 -7.88
N ASN A 26 8.88 -1.32 -7.08
CA ASN A 26 9.63 -0.11 -7.32
C ASN A 26 11.06 -0.56 -7.49
N LYS A 27 11.40 -1.56 -6.67
CA LYS A 27 12.71 -2.18 -6.72
C LYS A 27 12.94 -2.72 -8.11
N LYS A 28 11.88 -3.31 -8.64
CA LYS A 28 11.91 -3.85 -9.99
C LYS A 28 12.20 -2.77 -11.02
N LEU A 29 11.71 -1.56 -10.74
CA LEU A 29 11.85 -0.46 -11.69
C LEU A 29 13.30 -0.33 -12.05
N ASP A 30 14.16 -0.56 -11.07
CA ASP A 30 15.61 -0.49 -11.27
C ASP A 30 15.96 -0.20 -12.72
N LEU A 31 16.40 -1.21 -13.46
CA LEU A 31 16.71 -1.05 -14.88
C LEU A 31 17.17 -2.40 -15.41
N SER A 32 18.02 -2.38 -16.41
CA SER A 32 18.59 -3.58 -16.98
C SER A 32 19.78 -3.92 -16.12
N ASN A 33 19.89 -3.12 -15.06
CA ASN A 33 21.01 -3.19 -14.14
C ASN A 33 22.22 -2.83 -14.94
N VAL A 34 21.97 -1.78 -15.73
CA VAL A 34 22.93 -1.17 -16.64
C VAL A 34 24.36 -1.52 -16.26
N GLN A 35 24.67 -2.79 -16.37
CA GLN A 35 25.99 -3.28 -16.07
C GLN A 35 26.95 -2.82 -17.17
N SER A 36 26.34 -2.22 -18.21
CA SER A 36 27.04 -1.69 -19.38
C SER A 36 28.26 -2.50 -19.79
N LYS A 37 28.88 -2.07 -20.89
CA LYS A 37 30.06 -2.73 -21.43
C LYS A 37 31.18 -2.76 -20.40
N LYS A 1 -28.05 -0.80 18.53
CA LYS A 1 -26.61 -0.50 18.57
C LYS A 1 -25.85 -0.79 17.29
N ASN A 2 -25.39 0.30 16.70
CA ASN A 2 -24.53 0.25 15.54
C ASN A 2 -23.12 0.14 16.08
N VAL A 3 -23.07 -0.07 17.40
CA VAL A 3 -21.82 -0.16 18.17
C VAL A 3 -20.89 -1.23 17.61
N LYS A 4 -21.46 -2.26 16.98
CA LYS A 4 -20.69 -3.38 16.43
C LYS A 4 -19.39 -2.98 15.70
N SER A 5 -19.21 -3.40 14.45
CA SER A 5 -17.96 -3.07 13.73
C SER A 5 -17.76 -1.56 13.69
N LYS A 6 -18.85 -0.82 13.57
CA LYS A 6 -18.79 0.64 13.55
C LYS A 6 -17.63 1.16 12.65
N ILE A 7 -17.03 2.28 13.03
CA ILE A 7 -15.90 2.91 12.36
C ILE A 7 -14.75 1.98 12.38
N GLY A 8 -14.72 1.16 13.41
CA GLY A 8 -13.73 0.15 13.46
C GLY A 8 -13.86 -0.49 12.12
N SER A 9 -15.09 -0.38 11.58
CA SER A 9 -15.31 -0.93 10.26
C SER A 9 -14.36 -0.28 9.25
N THR A 10 -14.17 1.03 9.43
CA THR A 10 -13.29 1.84 8.60
C THR A 10 -11.83 1.37 8.67
N GLU A 11 -11.45 0.94 9.86
CA GLU A 11 -10.08 0.50 10.15
C GLU A 11 -9.72 -0.65 9.27
N ASN A 12 -10.73 -1.40 8.93
CA ASN A 12 -10.56 -2.55 8.09
C ASN A 12 -9.82 -2.17 6.83
N LEU A 13 -10.00 -0.97 6.39
CA LEU A 13 -9.30 -0.55 5.21
C LEU A 13 -8.45 0.68 5.51
N LYS A 14 -8.94 1.51 6.42
CA LYS A 14 -8.24 2.72 6.77
C LYS A 14 -6.83 2.36 7.18
N HIS A 15 -6.64 1.18 7.73
CA HIS A 15 -5.28 0.82 8.12
C HIS A 15 -4.32 0.87 6.92
N GLN A 16 -4.88 0.80 5.69
CA GLN A 16 -4.04 0.83 4.46
C GLN A 16 -3.13 -0.38 4.39
N PRO A 17 -3.70 -1.54 4.23
CA PRO A 17 -2.90 -2.77 4.19
C PRO A 17 -1.85 -2.73 3.09
N GLY A 18 -0.68 -3.22 3.43
CA GLY A 18 0.44 -3.26 2.51
C GLY A 18 1.26 -1.98 2.59
N GLY A 19 0.56 -0.84 2.62
CA GLY A 19 1.24 0.44 2.73
C GLY A 19 1.78 0.88 1.36
N GLY A 20 1.25 0.31 0.29
CA GLY A 20 1.73 0.65 -1.04
C GLY A 20 0.87 0.04 -2.12
N LYS A 21 1.36 0.19 -3.33
CA LYS A 21 0.72 -0.38 -4.47
C LYS A 21 1.23 -1.82 -4.47
N VAL A 22 2.03 -2.08 -3.43
CA VAL A 22 2.63 -3.38 -3.19
C VAL A 22 3.26 -3.93 -4.45
N GLN A 23 3.33 -3.12 -5.49
CA GLN A 23 3.92 -3.57 -6.70
C GLN A 23 5.37 -3.92 -6.45
N ILE A 24 5.98 -3.14 -5.54
CA ILE A 24 7.40 -3.29 -5.21
C ILE A 24 8.22 -2.99 -6.48
N ILE A 25 7.80 -3.58 -7.58
CA ILE A 25 8.41 -3.32 -8.88
C ILE A 25 8.21 -1.85 -9.16
N ASN A 26 7.12 -1.31 -8.62
CA ASN A 26 6.81 0.09 -8.81
C ASN A 26 8.00 0.99 -8.52
N LYS A 27 8.71 0.72 -7.44
CA LYS A 27 9.91 1.47 -7.17
C LYS A 27 11.05 0.72 -7.84
N LYS A 28 10.67 -0.41 -8.47
CA LYS A 28 11.60 -1.34 -9.10
C LYS A 28 12.65 -1.73 -8.08
N LEU A 29 12.44 -1.19 -6.88
CA LEU A 29 13.27 -1.40 -5.68
C LEU A 29 14.66 -2.02 -5.97
N ASP A 30 15.13 -1.91 -7.21
CA ASP A 30 16.43 -2.47 -7.57
C ASP A 30 17.18 -1.60 -8.56
N LEU A 31 18.48 -1.58 -8.37
CA LEU A 31 19.39 -0.87 -9.23
C LEU A 31 20.02 -1.89 -10.14
N SER A 32 20.10 -1.56 -11.39
CA SER A 32 20.69 -2.47 -12.35
C SER A 32 22.04 -2.96 -11.84
N ASN A 33 22.47 -2.41 -10.69
CA ASN A 33 23.78 -2.78 -10.15
C ASN A 33 24.82 -2.38 -11.17
N VAL A 34 24.62 -1.18 -11.71
CA VAL A 34 25.49 -0.60 -12.71
C VAL A 34 26.96 -0.60 -12.28
N GLN A 35 27.52 -1.80 -12.17
CA GLN A 35 28.91 -1.97 -11.76
C GLN A 35 29.88 -1.69 -12.90
N SER A 36 29.34 -1.39 -14.08
CA SER A 36 30.17 -1.11 -15.24
C SER A 36 31.33 -2.10 -15.31
N LYS A 37 32.56 -1.60 -15.35
CA LYS A 37 33.73 -2.47 -15.42
C LYS A 37 34.90 -1.85 -14.66
N LYS A 1 -25.73 -3.98 19.33
CA LYS A 1 -26.87 -3.18 18.90
C LYS A 1 -26.66 -2.77 17.44
N ASN A 2 -26.97 -1.51 17.16
CA ASN A 2 -26.74 -0.93 15.87
C ASN A 2 -25.38 -0.34 15.97
N VAL A 3 -24.79 -0.61 17.14
CA VAL A 3 -23.47 -0.15 17.44
C VAL A 3 -22.67 -1.35 17.86
N LYS A 4 -21.47 -1.33 17.41
CA LYS A 4 -20.54 -2.44 17.62
C LYS A 4 -19.14 -2.12 17.06
N SER A 5 -18.51 -3.14 16.53
CA SER A 5 -17.18 -3.06 15.94
C SER A 5 -17.22 -2.23 14.66
N LYS A 6 -18.44 -1.84 14.28
CA LYS A 6 -18.69 -1.10 13.06
C LYS A 6 -17.86 0.18 12.95
N ILE A 7 -17.58 0.85 14.04
CA ILE A 7 -16.76 2.06 13.95
C ILE A 7 -15.45 1.64 13.36
N GLY A 8 -15.14 0.39 13.61
CA GLY A 8 -13.98 -0.22 13.05
C GLY A 8 -14.12 -0.10 11.54
N SER A 9 -15.29 0.31 11.12
CA SER A 9 -15.52 0.37 9.71
C SER A 9 -14.54 1.25 8.93
N THR A 10 -14.21 2.44 9.46
CA THR A 10 -13.27 3.31 8.74
C THR A 10 -11.90 2.68 8.65
N GLU A 11 -11.51 2.08 9.75
CA GLU A 11 -10.21 1.46 9.85
C GLU A 11 -10.09 0.24 8.94
N ASN A 12 -11.23 -0.38 8.65
CA ASN A 12 -11.23 -1.54 7.76
C ASN A 12 -10.64 -1.15 6.43
N LEU A 13 -10.84 0.13 6.03
CA LEU A 13 -10.34 0.58 4.74
C LEU A 13 -9.00 -0.08 4.52
N LYS A 14 -8.82 -0.64 3.33
CA LYS A 14 -7.61 -1.37 2.98
C LYS A 14 -6.49 -1.05 3.95
N HIS A 15 -6.60 -1.54 5.19
CA HIS A 15 -5.58 -1.21 6.16
C HIS A 15 -4.35 -2.08 6.04
N GLN A 16 -3.30 -1.32 6.00
CA GLN A 16 -1.93 -1.71 5.85
C GLN A 16 -1.34 -0.37 5.50
N PRO A 17 -1.86 0.62 6.18
CA PRO A 17 -1.58 2.06 5.96
C PRO A 17 -0.10 2.43 6.02
N GLY A 18 0.70 1.62 6.70
CA GLY A 18 2.12 1.89 6.75
C GLY A 18 2.79 1.33 5.50
N GLY A 19 4.10 1.53 5.38
CA GLY A 19 4.81 1.00 4.22
C GLY A 19 4.73 1.98 3.05
N GLY A 20 4.26 3.20 3.35
CA GLY A 20 4.11 4.21 2.31
C GLY A 20 2.75 4.06 1.63
N LYS A 21 2.54 4.80 0.54
CA LYS A 21 1.26 4.74 -0.17
C LYS A 21 0.94 3.33 -0.65
N VAL A 22 1.98 2.68 -1.15
CA VAL A 22 1.90 1.33 -1.69
C VAL A 22 2.99 1.23 -2.74
N GLN A 23 3.68 2.37 -2.89
CA GLN A 23 4.77 2.53 -3.76
C GLN A 23 5.93 2.03 -2.97
N ILE A 24 5.72 0.94 -2.24
CA ILE A 24 6.75 0.49 -1.33
C ILE A 24 8.06 0.45 -2.07
N ILE A 25 8.03 0.14 -3.35
CA ILE A 25 9.24 0.18 -4.13
C ILE A 25 9.75 1.61 -4.05
N ASN A 26 8.97 2.46 -3.35
CA ASN A 26 9.36 3.85 -3.22
C ASN A 26 10.81 3.83 -2.79
N LYS A 27 11.11 2.84 -1.95
CA LYS A 27 12.45 2.63 -1.47
C LYS A 27 13.41 2.36 -2.64
N LYS A 28 12.92 1.59 -3.61
CA LYS A 28 13.72 1.22 -4.80
C LYS A 28 14.16 2.44 -5.60
N LEU A 29 13.27 3.42 -5.70
CA LEU A 29 13.47 4.67 -6.46
C LEU A 29 14.94 5.05 -6.73
N ASP A 30 15.69 4.11 -7.30
CA ASP A 30 17.08 4.35 -7.65
C ASP A 30 17.30 3.79 -9.06
N LEU A 31 17.91 4.57 -9.95
CA LEU A 31 18.12 4.08 -11.32
C LEU A 31 19.55 3.67 -11.61
N SER A 32 19.69 2.51 -12.27
CA SER A 32 21.00 1.98 -12.60
C SER A 32 21.84 1.97 -11.35
N ASN A 33 21.17 2.25 -10.25
CA ASN A 33 21.79 2.26 -8.97
C ASN A 33 22.92 3.27 -9.01
N VAL A 34 22.58 4.40 -9.63
CA VAL A 34 23.49 5.52 -9.81
C VAL A 34 24.92 5.17 -9.39
N GLN A 35 25.68 4.70 -10.38
CA GLN A 35 27.06 4.30 -10.16
C GLN A 35 27.91 4.75 -11.36
N SER A 36 29.23 4.76 -11.19
CA SER A 36 30.12 5.20 -12.27
C SER A 36 31.04 4.08 -12.73
N LYS A 37 31.29 4.05 -14.04
CA LYS A 37 32.14 3.04 -14.66
C LYS A 37 33.09 2.41 -13.64
N LYS A 1 -27.69 -3.41 19.72
CA LYS A 1 -27.15 -2.06 19.64
C LYS A 1 -26.01 -2.02 18.60
N ASN A 2 -25.63 -0.83 18.17
CA ASN A 2 -24.58 -0.67 17.17
C ASN A 2 -23.20 -0.70 17.80
N VAL A 3 -23.13 -1.05 19.06
CA VAL A 3 -21.85 -1.14 19.74
C VAL A 3 -20.95 -2.00 18.88
N LYS A 4 -21.59 -2.73 17.97
CA LYS A 4 -20.89 -3.61 17.06
C LYS A 4 -19.92 -2.75 16.29
N SER A 5 -18.91 -3.34 15.66
CA SER A 5 -17.96 -2.51 14.96
C SER A 5 -18.70 -1.65 13.96
N LYS A 6 -18.15 -0.47 13.69
CA LYS A 6 -18.80 0.47 12.79
C LYS A 6 -17.77 1.14 11.90
N ILE A 7 -17.32 2.29 12.30
CA ILE A 7 -16.30 3.04 11.58
C ILE A 7 -15.08 2.22 11.58
N GLY A 8 -14.91 1.47 12.66
CA GLY A 8 -13.82 0.57 12.73
C GLY A 8 -13.93 -0.22 11.46
N SER A 9 -15.18 -0.35 10.99
CA SER A 9 -15.38 -1.06 9.77
C SER A 9 -14.58 -0.38 8.66
N THR A 10 -14.62 0.96 8.69
CA THR A 10 -13.89 1.80 7.74
C THR A 10 -12.40 1.56 7.88
N GLU A 11 -12.01 1.33 9.12
CA GLU A 11 -10.61 1.13 9.46
C GLU A 11 -10.03 0.00 8.78
N ASN A 12 -10.81 -0.99 8.44
CA ASN A 12 -10.15 -2.07 7.80
C ASN A 12 -9.37 -1.42 6.63
N LEU A 13 -9.99 -0.45 6.01
CA LEU A 13 -9.34 0.29 4.96
C LEU A 13 -8.20 1.22 5.51
N LYS A 14 -8.44 1.90 6.63
CA LYS A 14 -7.43 2.86 7.17
C LYS A 14 -6.08 2.27 7.50
N HIS A 15 -6.05 1.04 7.98
CA HIS A 15 -4.78 0.43 8.32
C HIS A 15 -3.89 0.35 7.10
N GLN A 16 -4.49 0.39 5.90
CA GLN A 16 -3.69 0.30 4.69
C GLN A 16 -2.89 -0.97 4.74
N PRO A 17 -3.56 -2.11 4.66
CA PRO A 17 -2.86 -3.37 4.76
C PRO A 17 -1.74 -3.37 3.74
N GLY A 18 -0.58 -3.87 4.09
CA GLY A 18 0.52 -3.82 3.15
C GLY A 18 0.77 -2.35 2.86
N GLY A 19 0.20 -1.88 1.76
CA GLY A 19 0.31 -0.49 1.36
C GLY A 19 1.54 -0.21 0.51
N GLY A 20 1.76 1.07 0.25
CA GLY A 20 2.87 1.47 -0.58
C GLY A 20 2.39 1.59 -1.97
N LYS A 21 1.11 1.33 -2.14
CA LYS A 21 0.55 1.37 -3.43
C LYS A 21 1.48 0.44 -4.20
N VAL A 22 1.26 -0.89 -4.10
CA VAL A 22 2.12 -1.90 -4.73
C VAL A 22 2.47 -1.55 -6.20
N GLN A 23 2.38 -0.28 -6.51
CA GLN A 23 2.61 0.27 -7.77
C GLN A 23 4.11 0.45 -7.95
N ILE A 24 4.94 -0.42 -7.38
CA ILE A 24 6.39 -0.22 -7.52
C ILE A 24 6.61 -0.07 -9.02
N ILE A 25 5.84 -0.85 -9.75
CA ILE A 25 5.80 -0.78 -11.19
C ILE A 25 5.38 0.63 -11.59
N ASN A 26 4.76 1.36 -10.64
CA ASN A 26 4.25 2.69 -10.97
C ASN A 26 5.24 3.49 -11.81
N LYS A 27 6.49 3.48 -11.39
CA LYS A 27 7.54 4.14 -12.14
C LYS A 27 8.14 3.11 -13.06
N LYS A 28 7.61 1.89 -12.96
CA LYS A 28 8.11 0.80 -13.75
C LYS A 28 9.57 0.61 -13.40
N LEU A 29 9.81 0.74 -12.07
CA LEU A 29 11.15 0.65 -11.44
C LEU A 29 12.03 -0.45 -12.03
N ASP A 30 12.00 -0.48 -13.33
CA ASP A 30 12.75 -1.39 -14.17
C ASP A 30 13.15 -0.63 -15.38
N LEU A 31 14.31 -0.06 -15.30
CA LEU A 31 14.82 0.74 -16.38
C LEU A 31 15.76 -0.08 -17.21
N SER A 32 15.57 -0.02 -18.51
CA SER A 32 16.42 -0.73 -19.42
C SER A 32 17.86 -0.34 -19.14
N ASN A 33 18.03 0.58 -18.19
CA ASN A 33 19.34 1.08 -17.89
C ASN A 33 19.82 1.76 -19.13
N VAL A 34 18.94 2.59 -19.69
CA VAL A 34 19.25 3.27 -20.90
C VAL A 34 20.60 3.91 -20.73
N GLN A 35 21.43 3.62 -21.69
CA GLN A 35 22.79 4.08 -21.67
C GLN A 35 23.20 4.47 -23.09
N SER A 36 24.28 5.20 -23.24
CA SER A 36 24.69 5.63 -24.57
C SER A 36 25.12 4.43 -25.42
N LYS A 37 25.15 4.63 -26.73
CA LYS A 37 25.52 3.57 -27.66
C LYS A 37 26.55 2.65 -27.04
N LYS A 1 -27.37 -5.24 19.54
CA LYS A 1 -26.48 -4.08 19.55
C LYS A 1 -25.39 -4.07 18.50
N ASN A 2 -25.61 -3.24 17.49
CA ASN A 2 -24.61 -2.99 16.49
C ASN A 2 -23.76 -1.84 17.02
N VAL A 3 -24.07 -1.47 18.27
CA VAL A 3 -23.40 -0.38 18.96
C VAL A 3 -21.90 -0.60 19.01
N LYS A 4 -21.53 -1.88 19.10
CA LYS A 4 -20.14 -2.30 19.20
C LYS A 4 -19.39 -2.25 17.87
N SER A 5 -18.09 -2.04 17.96
CA SER A 5 -17.22 -2.00 16.78
C SER A 5 -17.85 -1.21 15.64
N LYS A 6 -18.00 -1.88 14.51
CA LYS A 6 -18.55 -1.25 13.32
C LYS A 6 -17.85 0.09 13.05
N ILE A 7 -18.11 0.68 11.89
CA ILE A 7 -17.46 1.92 11.46
C ILE A 7 -16.03 1.63 11.07
N GLY A 8 -15.31 0.93 11.92
CA GLY A 8 -13.96 0.57 11.63
C GLY A 8 -13.91 -0.12 10.28
N SER A 9 -14.96 -0.85 9.94
CA SER A 9 -14.98 -1.51 8.65
C SER A 9 -14.91 -0.50 7.53
N THR A 10 -15.47 0.68 7.73
CA THR A 10 -15.37 1.68 6.70
C THR A 10 -13.90 2.01 6.51
N GLU A 11 -13.25 2.11 7.66
CA GLU A 11 -11.85 2.46 7.74
C GLU A 11 -10.97 1.45 7.11
N ASN A 12 -11.37 0.16 7.25
CA ASN A 12 -10.54 -0.98 6.84
C ASN A 12 -9.08 -0.58 6.72
N LEU A 13 -8.88 0.56 6.12
CA LEU A 13 -7.58 1.15 5.81
C LEU A 13 -6.62 1.00 6.98
N LYS A 14 -7.12 1.02 8.17
CA LYS A 14 -6.23 0.80 9.30
C LYS A 14 -5.42 -0.49 9.02
N HIS A 15 -5.93 -1.38 8.15
CA HIS A 15 -5.19 -2.58 7.78
C HIS A 15 -3.84 -2.16 7.18
N GLN A 16 -3.75 -0.84 6.95
CA GLN A 16 -2.55 -0.18 6.42
C GLN A 16 -2.23 -0.53 4.96
N PRO A 17 -3.08 -0.08 4.09
CA PRO A 17 -2.96 -0.22 2.62
C PRO A 17 -1.65 0.37 2.06
N GLY A 18 -1.14 1.38 2.79
CA GLY A 18 0.06 2.13 2.42
C GLY A 18 1.36 1.47 2.88
N GLY A 19 2.48 2.18 2.72
CA GLY A 19 3.78 1.64 3.11
C GLY A 19 4.31 0.67 2.07
N GLY A 20 4.33 1.09 0.80
CA GLY A 20 4.77 0.19 -0.27
C GLY A 20 3.59 -0.63 -0.71
N LYS A 21 2.68 0.05 -1.37
CA LYS A 21 1.43 -0.54 -1.80
C LYS A 21 1.64 -1.79 -2.61
N VAL A 22 2.64 -1.77 -3.48
CA VAL A 22 2.98 -2.92 -4.31
C VAL A 22 3.97 -2.47 -5.35
N GLN A 23 3.89 -1.19 -5.71
CA GLN A 23 4.79 -0.64 -6.68
C GLN A 23 5.90 0.12 -6.00
N ILE A 24 7.07 -0.47 -5.94
CA ILE A 24 8.19 0.26 -5.39
C ILE A 24 8.61 1.25 -6.45
N ILE A 25 8.23 0.90 -7.67
CA ILE A 25 8.49 1.70 -8.84
C ILE A 25 7.63 2.94 -8.81
N ASN A 26 6.71 3.01 -7.84
CA ASN A 26 5.83 4.16 -7.81
C ASN A 26 6.71 5.41 -7.87
N LYS A 27 7.83 5.34 -7.16
CA LYS A 27 8.83 6.40 -7.16
C LYS A 27 9.83 6.15 -8.30
N LYS A 28 9.63 5.04 -8.98
CA LYS A 28 10.52 4.62 -10.07
C LYS A 28 11.92 4.49 -9.47
N LEU A 29 11.93 3.83 -8.33
CA LEU A 29 13.12 3.58 -7.51
C LEU A 29 14.16 2.82 -8.34
N ASP A 30 13.72 1.94 -9.23
CA ASP A 30 14.70 1.14 -9.96
C ASP A 30 15.41 1.95 -11.05
N LEU A 31 16.68 2.16 -10.74
CA LEU A 31 17.62 2.88 -11.58
C LEU A 31 18.66 1.93 -12.15
N SER A 32 19.00 2.11 -13.41
CA SER A 32 20.02 1.28 -14.05
C SER A 32 21.31 1.29 -13.21
N ASN A 33 21.24 1.95 -12.05
CA ASN A 33 22.34 2.14 -11.11
C ASN A 33 23.38 3.03 -11.70
N VAL A 34 22.90 4.05 -12.43
CA VAL A 34 23.74 5.06 -13.05
C VAL A 34 25.21 4.78 -12.81
N GLN A 35 25.60 3.53 -13.07
CA GLN A 35 26.96 3.09 -12.88
C GLN A 35 27.96 3.91 -13.69
N SER A 36 27.54 4.34 -14.89
CA SER A 36 28.38 5.16 -15.79
C SER A 36 28.69 4.44 -17.08
N LYS A 37 29.34 5.15 -18.00
CA LYS A 37 29.73 4.58 -19.29
C LYS A 37 29.99 3.08 -19.17
N LYS A 1 -29.20 -3.19 21.74
CA LYS A 1 -28.15 -2.50 20.99
C LYS A 1 -28.26 -2.48 19.50
N ASN A 2 -28.00 -1.27 19.01
CA ASN A 2 -27.90 -0.96 17.63
C ASN A 2 -26.55 -0.32 17.47
N VAL A 3 -25.62 -0.64 18.39
CA VAL A 3 -24.31 -0.04 18.30
C VAL A 3 -23.30 -1.15 18.16
N LYS A 4 -22.40 -0.90 17.25
CA LYS A 4 -21.35 -1.84 16.91
C LYS A 4 -19.97 -1.18 16.88
N SER A 5 -18.93 -1.91 17.26
CA SER A 5 -17.57 -1.36 17.22
C SER A 5 -17.27 -0.96 15.78
N LYS A 6 -17.85 -1.74 14.87
CA LYS A 6 -17.69 -1.58 13.42
C LYS A 6 -16.73 -0.42 13.06
N ILE A 7 -17.32 0.66 12.54
CA ILE A 7 -16.60 1.86 12.10
C ILE A 7 -15.15 1.59 11.73
N GLY A 8 -14.25 1.38 12.66
CA GLY A 8 -12.90 1.10 12.26
C GLY A 8 -12.98 -0.03 11.27
N SER A 9 -13.96 -0.87 11.49
CA SER A 9 -14.23 -1.97 10.62
C SER A 9 -14.53 -1.47 9.21
N THR A 10 -15.23 -0.36 9.12
CA THR A 10 -15.57 0.21 7.83
C THR A 10 -14.37 0.77 7.07
N GLU A 11 -13.50 1.46 7.79
CA GLU A 11 -12.37 2.12 7.18
C GLU A 11 -11.48 1.11 6.55
N ASN A 12 -11.37 0.01 7.26
CA ASN A 12 -10.47 -1.03 6.87
C ASN A 12 -9.18 -0.33 6.59
N LEU A 13 -9.03 0.83 7.26
CA LEU A 13 -7.84 1.61 7.13
C LEU A 13 -6.71 0.83 7.65
N LYS A 14 -7.14 0.06 8.58
CA LYS A 14 -6.36 -0.82 9.33
C LYS A 14 -5.58 -1.61 8.28
N HIS A 15 -6.12 -1.59 7.05
CA HIS A 15 -5.46 -2.18 5.91
C HIS A 15 -4.08 -1.54 5.70
N GLN A 16 -3.99 -0.24 5.97
CA GLN A 16 -2.73 0.51 5.83
C GLN A 16 -2.18 0.27 4.43
N PRO A 17 -2.93 0.70 3.45
CA PRO A 17 -2.59 0.53 2.02
C PRO A 17 -1.24 1.17 1.67
N GLY A 18 -0.80 2.11 2.50
CA GLY A 18 0.46 2.82 2.29
C GLY A 18 1.67 1.88 2.14
N GLY A 19 1.65 0.74 2.83
CA GLY A 19 2.77 -0.19 2.76
C GLY A 19 3.07 -0.54 1.31
N GLY A 20 2.03 -0.59 0.51
CA GLY A 20 2.16 -0.89 -0.91
C GLY A 20 0.80 -1.18 -1.49
N LYS A 21 0.43 -0.42 -2.50
CA LYS A 21 -0.85 -0.61 -3.14
C LYS A 21 -0.95 -2.03 -3.67
N VAL A 22 0.19 -2.52 -4.16
CA VAL A 22 0.31 -3.88 -4.70
C VAL A 22 1.55 -3.95 -5.58
N GLN A 23 2.04 -2.77 -5.96
CA GLN A 23 3.22 -2.68 -6.83
C GLN A 23 4.36 -1.87 -6.19
N ILE A 24 5.25 -2.49 -5.45
CA ILE A 24 6.37 -1.71 -4.95
C ILE A 24 7.11 -1.23 -6.16
N ILE A 25 7.09 -2.08 -7.17
CA ILE A 25 7.68 -1.78 -8.45
C ILE A 25 6.87 -0.67 -9.03
N ASN A 26 5.83 -0.25 -8.31
CA ASN A 26 4.98 0.81 -8.82
C ASN A 26 5.86 1.98 -9.21
N LYS A 27 6.88 2.17 -8.45
CA LYS A 27 7.82 3.21 -8.72
C LYS A 27 8.27 2.99 -10.15
N LYS A 28 8.19 1.72 -10.53
CA LYS A 28 8.57 1.21 -11.87
C LYS A 28 9.97 0.82 -11.73
N LEU A 29 10.61 1.61 -10.92
CA LEU A 29 11.96 1.35 -10.55
C LEU A 29 12.71 0.62 -11.68
N ASP A 30 12.23 0.86 -12.90
CA ASP A 30 12.78 0.25 -14.10
C ASP A 30 13.94 1.00 -14.67
N LEU A 31 15.04 0.29 -14.68
CA LEU A 31 16.25 0.81 -15.25
C LEU A 31 16.34 0.17 -16.61
N SER A 32 16.57 0.97 -17.61
CA SER A 32 16.70 0.47 -18.96
C SER A 32 17.92 -0.40 -18.94
N ASN A 33 18.58 -0.31 -17.80
CA ASN A 33 19.83 -1.02 -17.55
C ASN A 33 20.83 -0.53 -18.58
N VAL A 34 20.80 0.78 -18.78
CA VAL A 34 21.66 1.42 -19.75
C VAL A 34 23.14 1.15 -19.47
N GLN A 35 23.51 1.10 -18.19
CA GLN A 35 24.89 0.85 -17.80
C GLN A 35 25.87 1.36 -18.86
N SER A 36 25.72 2.64 -19.24
CA SER A 36 26.57 3.26 -20.28
C SER A 36 27.34 2.22 -21.07
N LYS A 37 26.63 1.50 -21.94
CA LYS A 37 27.23 0.45 -22.77
C LYS A 37 28.46 -0.14 -22.10
N LYS A 1 -27.70 -2.08 20.14
CA LYS A 1 -27.31 -0.77 19.63
C LYS A 1 -26.50 -0.86 18.35
N ASN A 2 -25.99 0.30 17.93
CA ASN A 2 -25.18 0.39 16.73
C ASN A 2 -23.72 0.10 17.05
N VAL A 3 -23.50 -0.33 18.29
CA VAL A 3 -22.18 -0.67 18.77
C VAL A 3 -21.63 -1.90 18.07
N LYS A 4 -22.49 -2.66 17.39
CA LYS A 4 -22.00 -3.86 16.75
C LYS A 4 -20.88 -3.46 15.80
N SER A 5 -20.96 -2.27 15.17
CA SER A 5 -19.82 -1.80 14.37
C SER A 5 -19.35 -0.46 14.91
N LYS A 6 -18.09 -0.45 15.22
CA LYS A 6 -17.38 0.72 15.72
C LYS A 6 -17.35 1.83 14.70
N ILE A 7 -17.26 1.33 13.47
CA ILE A 7 -16.99 2.10 12.27
C ILE A 7 -15.59 1.61 11.87
N GLY A 8 -15.03 0.84 12.82
CA GLY A 8 -13.70 0.20 12.70
C GLY A 8 -13.64 -0.64 11.46
N SER A 9 -14.76 -1.24 11.14
CA SER A 9 -14.76 -2.08 9.93
C SER A 9 -14.27 -1.20 8.77
N THR A 10 -14.65 0.08 8.78
CA THR A 10 -14.19 1.05 7.77
C THR A 10 -12.67 1.26 7.89
N GLU A 11 -12.19 1.26 9.14
CA GLU A 11 -10.76 1.46 9.47
C GLU A 11 -9.91 0.48 8.91
N ASN A 12 -10.41 -0.68 8.75
CA ASN A 12 -9.53 -1.65 8.28
C ASN A 12 -8.84 -1.05 7.04
N LEU A 13 -9.52 -0.36 6.24
CA LEU A 13 -8.84 0.24 5.14
C LEU A 13 -7.74 1.24 5.52
N LYS A 14 -7.92 2.01 6.60
CA LYS A 14 -6.92 3.03 6.98
C LYS A 14 -5.52 2.46 7.14
N HIS A 15 -5.40 1.22 7.59
CA HIS A 15 -4.08 0.64 7.73
C HIS A 15 -3.33 0.59 6.40
N GLN A 16 -4.06 0.66 5.27
CA GLN A 16 -3.40 0.61 3.96
C GLN A 16 -2.69 -0.74 3.82
N PRO A 17 -3.45 -1.81 3.70
CA PRO A 17 -2.93 -3.19 3.64
C PRO A 17 -1.88 -3.42 2.54
N GLY A 18 -1.93 -2.63 1.47
CA GLY A 18 -0.96 -2.78 0.37
C GLY A 18 0.01 -1.61 0.27
N GLY A 19 1.28 -1.86 0.57
CA GLY A 19 2.30 -0.82 0.49
C GLY A 19 2.93 -0.74 -0.91
N GLY A 20 3.92 0.14 -1.08
CA GLY A 20 4.61 0.27 -2.37
C GLY A 20 3.97 1.29 -3.31
N LYS A 21 3.01 2.03 -2.80
CA LYS A 21 2.30 3.02 -3.60
C LYS A 21 1.54 2.26 -4.67
N VAL A 22 0.79 1.25 -4.21
CA VAL A 22 0.03 0.37 -5.10
C VAL A 22 0.98 -0.46 -5.96
N GLN A 23 2.12 0.11 -6.34
CA GLN A 23 3.11 -0.62 -7.15
C GLN A 23 4.37 -1.00 -6.37
N ILE A 24 4.61 -2.31 -6.21
CA ILE A 24 5.81 -2.81 -5.52
C ILE A 24 7.06 -2.41 -6.28
N ILE A 25 6.95 -2.44 -7.60
CA ILE A 25 8.06 -2.09 -8.45
C ILE A 25 8.36 -0.61 -8.39
N ASN A 26 7.55 0.19 -7.70
CA ASN A 26 7.87 1.60 -7.62
C ASN A 26 9.33 1.60 -7.24
N LYS A 27 9.63 0.63 -6.39
CA LYS A 27 10.97 0.33 -5.91
C LYS A 27 11.96 -0.06 -7.03
N LYS A 28 11.49 -0.75 -8.10
CA LYS A 28 12.48 -1.25 -9.09
C LYS A 28 13.27 -0.07 -9.58
N LEU A 29 12.54 1.03 -9.79
CA LEU A 29 13.07 2.29 -10.26
C LEU A 29 14.53 2.15 -10.77
N ASP A 30 14.81 1.04 -11.44
CA ASP A 30 16.16 0.78 -11.97
C ASP A 30 16.07 0.24 -13.39
N LEU A 31 16.78 0.86 -14.34
CA LEU A 31 16.74 0.39 -15.75
C LEU A 31 18.03 -0.27 -16.19
N SER A 32 17.89 -1.33 -16.99
CA SER A 32 19.04 -2.12 -17.44
C SER A 32 19.91 -2.41 -16.23
N ASN A 33 19.35 -2.06 -15.08
CA ASN A 33 20.00 -2.26 -13.81
C ASN A 33 21.33 -1.56 -13.85
N VAL A 34 21.24 -0.35 -14.41
CA VAL A 34 22.35 0.57 -14.59
C VAL A 34 23.72 -0.06 -14.36
N GLN A 35 23.90 -1.28 -14.88
CA GLN A 35 25.20 -1.96 -14.77
C GLN A 35 26.14 -1.54 -15.89
N SER A 36 25.67 -0.66 -16.77
CA SER A 36 26.48 -0.18 -17.88
C SER A 36 27.28 -1.31 -18.54
N LYS A 37 28.01 -0.99 -19.61
CA LYS A 37 28.78 -1.98 -20.32
C LYS A 37 30.05 -2.34 -19.53
N LYS A 1 -28.72 -5.38 20.42
CA LYS A 1 -28.03 -4.09 20.34
C LYS A 1 -27.84 -3.75 18.85
N ASN A 2 -28.41 -2.63 18.41
CA ASN A 2 -28.29 -2.23 17.04
C ASN A 2 -27.07 -1.39 16.92
N VAL A 3 -26.39 -1.24 18.05
CA VAL A 3 -25.18 -0.49 18.04
C VAL A 3 -24.05 -1.44 18.30
N LYS A 4 -23.15 -1.36 17.40
CA LYS A 4 -21.95 -2.18 17.40
C LYS A 4 -20.71 -1.33 17.05
N SER A 5 -19.54 -1.91 17.30
CA SER A 5 -18.27 -1.22 17.05
C SER A 5 -18.13 -0.79 15.59
N LYS A 6 -18.68 -1.58 14.65
CA LYS A 6 -18.56 -1.31 13.21
C LYS A 6 -17.43 -0.32 12.92
N ILE A 7 -17.79 0.94 12.63
CA ILE A 7 -16.85 2.05 12.29
C ILE A 7 -15.42 1.59 12.25
N GLY A 8 -14.96 0.93 13.29
CA GLY A 8 -13.64 0.39 13.29
C GLY A 8 -13.52 -0.38 11.98
N SER A 9 -14.69 -0.79 11.48
CA SER A 9 -14.76 -1.52 10.25
C SER A 9 -14.11 -0.73 9.11
N THR A 10 -14.36 0.57 9.10
CA THR A 10 -13.78 1.48 8.12
C THR A 10 -12.26 1.50 8.19
N GLU A 11 -11.76 1.43 9.42
CA GLU A 11 -10.33 1.51 9.72
C GLU A 11 -9.49 0.50 9.10
N ASN A 12 -10.02 -0.66 8.97
CA ASN A 12 -9.21 -1.69 8.51
C ASN A 12 -8.54 -1.15 7.30
N LEU A 13 -9.25 -0.24 6.61
CA LEU A 13 -8.76 0.33 5.37
C LEU A 13 -7.28 0.55 5.50
N LYS A 14 -6.87 0.90 6.64
CA LYS A 14 -5.48 1.12 6.81
C LYS A 14 -4.52 -0.07 6.45
N HIS A 15 -4.92 -1.32 6.58
CA HIS A 15 -3.98 -2.47 6.29
C HIS A 15 -3.18 -2.30 4.98
N GLN A 16 -3.75 -1.55 4.06
CA GLN A 16 -3.20 -1.20 2.74
C GLN A 16 -3.12 0.31 2.74
N PRO A 17 -3.43 0.79 3.89
CA PRO A 17 -3.74 2.18 4.20
C PRO A 17 -3.40 3.15 3.06
N GLY A 18 -2.10 3.36 2.87
CA GLY A 18 -1.61 4.28 1.85
C GLY A 18 -0.27 3.80 1.31
N GLY A 19 -0.18 2.52 1.01
CA GLY A 19 1.06 1.96 0.50
C GLY A 19 1.19 2.23 -0.99
N GLY A 20 2.23 1.68 -1.60
CA GLY A 20 2.44 1.90 -3.02
C GLY A 20 1.59 1.01 -3.84
N LYS A 21 1.77 1.21 -5.10
CA LYS A 21 1.11 0.48 -6.09
C LYS A 21 1.89 -0.76 -6.37
N VAL A 22 1.23 -1.75 -6.89
CA VAL A 22 1.89 -2.98 -7.21
C VAL A 22 3.19 -2.69 -7.95
N GLN A 23 3.45 -1.41 -8.33
CA GLN A 23 4.63 -1.14 -9.06
C GLN A 23 5.78 -1.15 -8.08
N ILE A 24 5.58 -1.65 -6.85
CA ILE A 24 6.66 -1.58 -5.84
C ILE A 24 7.97 -1.97 -6.49
N ILE A 25 7.87 -2.61 -7.63
CA ILE A 25 9.03 -2.89 -8.44
C ILE A 25 9.41 -1.53 -8.99
N ASN A 26 8.63 -0.54 -8.56
CA ASN A 26 8.79 0.80 -9.01
C ASN A 26 10.27 1.13 -8.85
N LYS A 27 10.86 0.61 -7.78
CA LYS A 27 12.28 0.76 -7.55
C LYS A 27 13.05 0.12 -8.72
N LYS A 28 12.53 -1.05 -9.12
CA LYS A 28 13.08 -1.83 -10.24
C LYS A 28 13.04 -1.04 -11.53
N LEU A 29 12.06 -0.16 -11.62
CA LEU A 29 11.80 0.63 -12.81
C LEU A 29 13.09 0.84 -13.61
N ASP A 30 14.23 0.75 -12.96
CA ASP A 30 15.49 0.87 -13.67
C ASP A 30 15.68 -0.47 -14.39
N LEU A 31 15.69 -0.44 -15.73
CA LEU A 31 15.79 -1.69 -16.50
C LEU A 31 17.13 -1.96 -17.15
N SER A 32 17.56 -3.21 -17.00
CA SER A 32 18.83 -3.67 -17.53
C SER A 32 19.94 -2.84 -16.92
N ASN A 33 19.52 -1.86 -16.12
CA ASN A 33 20.45 -1.00 -15.45
C ASN A 33 21.31 -0.34 -16.50
N VAL A 34 20.61 0.08 -17.57
CA VAL A 34 21.17 0.73 -18.75
C VAL A 34 22.39 1.61 -18.41
N GLN A 35 23.38 0.99 -17.81
CA GLN A 35 24.58 1.69 -17.38
C GLN A 35 25.34 2.35 -18.55
N SER A 36 25.48 1.62 -19.66
CA SER A 36 26.19 2.15 -20.84
C SER A 36 26.38 1.05 -21.89
N LYS A 37 26.49 1.44 -23.17
CA LYS A 37 26.73 0.48 -24.24
C LYS A 37 27.51 -0.73 -23.72
N LYS A 1 -26.80 -0.07 20.22
CA LYS A 1 -25.42 -0.53 20.05
C LYS A 1 -24.77 -0.26 18.71
N ASN A 2 -23.92 0.75 18.70
CA ASN A 2 -23.11 1.03 17.53
C ASN A 2 -21.85 0.19 17.68
N VAL A 3 -21.86 -0.62 18.74
CA VAL A 3 -20.75 -1.54 19.08
C VAL A 3 -20.51 -2.49 17.93
N LYS A 4 -21.58 -2.75 17.15
CA LYS A 4 -21.46 -3.70 16.07
C LYS A 4 -20.34 -3.25 15.16
N SER A 5 -20.17 -1.93 15.03
CA SER A 5 -19.04 -1.45 14.26
C SER A 5 -18.17 -0.58 15.16
N LYS A 6 -16.89 -0.70 14.95
CA LYS A 6 -15.89 0.06 15.67
C LYS A 6 -15.50 1.25 14.83
N ILE A 7 -16.24 1.40 13.76
CA ILE A 7 -15.95 2.36 12.71
C ILE A 7 -14.55 2.04 12.19
N GLY A 8 -13.97 0.97 12.75
CA GLY A 8 -12.70 0.41 12.28
C GLY A 8 -12.99 -0.23 10.95
N SER A 9 -14.15 -0.86 10.93
CA SER A 9 -14.63 -1.55 9.75
C SER A 9 -14.73 -0.57 8.58
N THR A 10 -15.08 0.66 8.88
CA THR A 10 -15.18 1.67 7.84
C THR A 10 -13.85 1.73 7.11
N GLU A 11 -12.78 1.59 7.87
CA GLU A 11 -11.45 1.64 7.30
C GLU A 11 -11.41 0.60 6.25
N ASN A 12 -11.29 -0.67 6.66
CA ASN A 12 -11.18 -1.74 5.70
C ASN A 12 -10.29 -1.23 4.62
N LEU A 13 -9.55 -0.24 5.03
CA LEU A 13 -8.65 0.41 4.19
C LEU A 13 -7.87 1.47 4.98
N LYS A 14 -8.51 2.11 5.95
CA LYS A 14 -7.77 3.05 6.78
C LYS A 14 -7.10 2.23 7.87
N HIS A 15 -7.41 0.93 7.85
CA HIS A 15 -6.81 -0.06 8.73
C HIS A 15 -5.27 -0.07 8.48
N GLN A 16 -4.92 0.21 7.21
CA GLN A 16 -3.55 0.33 6.68
C GLN A 16 -2.72 -0.98 6.56
N PRO A 17 -3.33 -2.14 6.41
CA PRO A 17 -2.59 -3.39 6.16
C PRO A 17 -1.75 -3.39 4.88
N GLY A 18 -2.11 -2.52 3.93
CA GLY A 18 -1.40 -2.48 2.64
C GLY A 18 -1.81 -1.27 1.82
N GLY A 19 -1.36 -1.24 0.56
CA GLY A 19 -1.67 -0.12 -0.33
C GLY A 19 -0.40 0.48 -0.93
N GLY A 20 0.18 -0.23 -1.91
CA GLY A 20 1.41 0.23 -2.55
C GLY A 20 1.28 1.66 -3.08
N LYS A 21 0.10 2.00 -3.57
CA LYS A 21 -0.19 3.34 -4.06
C LYS A 21 0.59 3.67 -5.36
N VAL A 22 0.58 2.74 -6.33
CA VAL A 22 1.28 2.92 -7.63
C VAL A 22 2.77 3.29 -7.46
N GLN A 23 3.07 4.13 -6.50
CA GLN A 23 4.40 4.57 -6.24
C GLN A 23 5.33 3.38 -6.04
N ILE A 24 4.87 2.25 -5.51
CA ILE A 24 5.82 1.17 -5.34
C ILE A 24 6.43 0.95 -6.71
N ILE A 25 5.57 1.08 -7.71
CA ILE A 25 5.98 1.05 -9.09
C ILE A 25 6.85 2.23 -9.41
N ASN A 26 6.72 3.33 -8.65
CA ASN A 26 7.52 4.49 -8.98
C ASN A 26 8.96 3.98 -9.19
N LYS A 27 9.32 3.00 -8.34
CA LYS A 27 10.62 2.33 -8.41
C LYS A 27 10.79 1.64 -9.77
N LYS A 28 9.68 1.14 -10.29
CA LYS A 28 9.66 0.43 -11.56
C LYS A 28 10.21 1.32 -12.66
N LEU A 29 9.98 2.61 -12.54
CA LEU A 29 10.36 3.48 -13.62
C LEU A 29 11.86 3.44 -13.81
N ASP A 30 12.18 2.97 -15.01
CA ASP A 30 13.54 2.82 -15.48
C ASP A 30 13.51 2.76 -17.01
N LEU A 31 13.56 3.90 -17.69
CA LEU A 31 13.46 3.89 -19.16
C LEU A 31 14.80 4.07 -19.86
N SER A 32 14.98 3.28 -20.93
CA SER A 32 16.22 3.26 -21.68
C SER A 32 17.23 2.63 -20.77
N ASN A 33 16.73 2.31 -19.59
CA ASN A 33 17.49 1.64 -18.58
C ASN A 33 18.68 2.49 -18.25
N VAL A 34 18.37 3.79 -18.14
CA VAL A 34 19.34 4.83 -17.83
C VAL A 34 20.73 4.25 -17.57
N GLN A 35 21.49 4.12 -18.65
CA GLN A 35 22.83 3.56 -18.59
C GLN A 35 23.77 4.32 -19.51
N SER A 36 25.07 4.15 -19.30
CA SER A 36 26.07 4.84 -20.12
C SER A 36 25.96 4.40 -21.57
N LYS A 37 26.41 5.26 -22.49
CA LYS A 37 26.35 4.94 -23.91
C LYS A 37 27.32 3.80 -24.24
N LYS A 1 -28.65 -1.64 20.89
CA LYS A 1 -28.74 -0.25 21.31
C LYS A 1 -28.75 0.65 20.08
N ASN A 2 -27.90 1.67 20.10
CA ASN A 2 -27.76 2.58 18.98
C ASN A 2 -26.31 2.54 18.57
N VAL A 3 -25.64 1.53 19.07
CA VAL A 3 -24.25 1.31 18.77
C VAL A 3 -24.09 -0.10 18.31
N LYS A 4 -23.26 -0.25 17.35
CA LYS A 4 -23.01 -1.54 16.75
C LYS A 4 -21.55 -1.90 16.97
N SER A 5 -21.25 -3.19 17.01
CA SER A 5 -19.88 -3.62 17.23
C SER A 5 -18.95 -3.02 16.21
N LYS A 6 -19.45 -2.84 14.97
CA LYS A 6 -18.64 -2.24 13.91
C LYS A 6 -17.25 -1.85 14.33
N ILE A 7 -16.96 -0.54 14.26
CA ILE A 7 -15.63 -0.06 14.58
C ILE A 7 -14.62 -0.74 13.68
N GLY A 8 -14.90 -1.97 13.30
CA GLY A 8 -14.06 -2.70 12.38
C GLY A 8 -13.94 -1.85 11.15
N SER A 9 -15.00 -1.09 10.95
CA SER A 9 -15.13 -0.19 9.84
C SER A 9 -14.04 0.87 9.85
N THR A 10 -13.75 1.35 8.66
CA THR A 10 -12.73 2.35 8.44
C THR A 10 -11.37 1.88 8.96
N GLU A 11 -11.31 0.72 9.61
CA GLU A 11 -10.01 0.24 10.05
C GLU A 11 -9.17 0.00 8.82
N ASN A 12 -9.87 -0.41 7.76
CA ASN A 12 -9.27 -0.68 6.45
C ASN A 12 -9.28 0.50 5.53
N LEU A 13 -9.66 1.62 6.07
CA LEU A 13 -9.71 2.80 5.25
C LEU A 13 -8.55 2.89 4.27
N LYS A 14 -7.59 3.72 4.61
CA LYS A 14 -6.43 3.97 3.77
C LYS A 14 -5.13 3.37 4.31
N HIS A 15 -5.16 2.35 5.20
CA HIS A 15 -3.87 1.88 5.78
C HIS A 15 -3.00 0.90 5.00
N GLN A 16 -3.47 0.20 3.98
CA GLN A 16 -2.56 -0.75 3.36
C GLN A 16 -2.09 -1.71 4.44
N PRO A 17 -2.97 -2.54 4.92
CA PRO A 17 -2.62 -3.46 6.04
C PRO A 17 -1.34 -4.23 5.76
N GLY A 18 -1.00 -4.42 4.49
CA GLY A 18 0.26 -5.07 4.16
C GLY A 18 1.33 -3.99 4.12
N GLY A 19 2.59 -4.34 3.91
CA GLY A 19 3.62 -3.31 3.84
C GLY A 19 3.89 -2.82 2.43
N GLY A 20 4.75 -1.81 2.33
CA GLY A 20 5.15 -1.29 1.02
C GLY A 20 4.15 -0.40 0.44
N LYS A 21 4.50 -0.02 -0.73
CA LYS A 21 3.69 0.74 -1.56
C LYS A 21 3.11 -0.21 -2.55
N VAL A 22 1.94 0.08 -2.95
CA VAL A 22 1.28 -0.71 -3.93
C VAL A 22 2.20 -0.88 -5.13
N GLN A 23 3.39 -0.19 -5.16
CA GLN A 23 4.20 -0.29 -6.32
C GLN A 23 4.83 -1.66 -6.42
N ILE A 24 4.02 -2.68 -6.67
CA ILE A 24 4.60 -4.01 -6.84
C ILE A 24 5.59 -3.81 -7.96
N ILE A 25 5.16 -2.91 -8.84
CA ILE A 25 5.95 -2.46 -9.96
C ILE A 25 7.25 -1.91 -9.44
N ASN A 26 7.28 -1.49 -8.17
CA ASN A 26 8.50 -0.96 -7.67
C ASN A 26 9.60 -1.98 -8.00
N LYS A 27 9.20 -3.27 -7.90
CA LYS A 27 10.07 -4.41 -8.24
C LYS A 27 10.45 -4.33 -9.71
N LYS A 28 9.51 -3.81 -10.52
CA LYS A 28 9.71 -3.69 -11.97
C LYS A 28 10.94 -2.85 -12.27
N LEU A 29 11.23 -1.88 -11.42
CA LEU A 29 12.36 -1.04 -11.72
C LEU A 29 13.56 -1.96 -11.78
N ASP A 30 14.12 -2.02 -13.00
CA ASP A 30 15.25 -2.88 -13.29
C ASP A 30 16.02 -2.39 -14.49
N LEU A 31 17.26 -2.81 -14.50
CA LEU A 31 18.14 -2.51 -15.59
C LEU A 31 18.31 -3.76 -16.44
N SER A 32 18.30 -3.59 -17.76
CA SER A 32 18.47 -4.71 -18.70
C SER A 32 19.67 -5.57 -18.27
N ASN A 33 20.31 -5.14 -17.18
CA ASN A 33 21.47 -5.81 -16.62
C ASN A 33 22.63 -5.75 -17.60
N VAL A 34 22.78 -4.56 -18.15
CA VAL A 34 23.83 -4.24 -19.07
C VAL A 34 25.20 -4.54 -18.45
N GLN A 35 25.48 -5.83 -18.27
CA GLN A 35 26.72 -6.24 -17.64
C GLN A 35 27.93 -5.76 -18.43
N SER A 36 27.90 -5.92 -19.74
CA SER A 36 28.99 -5.48 -20.58
C SER A 36 28.50 -5.23 -22.00
N LYS A 37 29.18 -4.33 -22.72
CA LYS A 37 28.79 -4.06 -24.11
C LYS A 37 29.69 -4.85 -25.06
N LYS A 1 -28.03 -0.41 16.94
CA LYS A 1 -26.84 -0.13 17.73
C LYS A 1 -25.60 -0.22 16.82
N ASN A 2 -24.74 0.79 16.84
CA ASN A 2 -23.55 0.79 15.99
C ASN A 2 -22.38 0.04 16.61
N VAL A 3 -22.64 -0.58 17.76
CA VAL A 3 -21.62 -1.36 18.45
C VAL A 3 -21.11 -2.47 17.56
N LYS A 4 -21.96 -2.93 16.64
CA LYS A 4 -21.57 -4.01 15.76
C LYS A 4 -20.32 -3.58 15.00
N SER A 5 -20.21 -2.29 14.71
CA SER A 5 -19.01 -1.78 14.07
C SER A 5 -18.40 -0.73 14.98
N LYS A 6 -17.09 -0.69 15.03
CA LYS A 6 -16.37 0.27 15.85
C LYS A 6 -16.05 1.50 15.04
N ILE A 7 -16.57 1.54 13.81
CA ILE A 7 -16.23 2.58 12.86
C ILE A 7 -14.85 2.21 12.34
N GLY A 8 -14.05 1.61 13.23
CA GLY A 8 -12.74 1.13 12.90
C GLY A 8 -12.88 0.19 11.70
N SER A 9 -13.99 -0.54 11.66
CA SER A 9 -14.22 -1.47 10.55
C SER A 9 -14.27 -0.69 9.24
N THR A 10 -14.68 0.56 9.31
CA THR A 10 -14.70 1.42 8.14
C THR A 10 -13.27 1.45 7.60
N GLU A 11 -12.34 1.43 8.55
CA GLU A 11 -10.90 1.50 8.26
C GLU A 11 -10.52 0.31 7.49
N ASN A 12 -11.40 -0.69 7.37
CA ASN A 12 -10.93 -1.89 6.72
C ASN A 12 -10.12 -1.40 5.61
N LEU A 13 -10.52 -0.30 5.02
CA LEU A 13 -9.65 0.34 4.05
C LEU A 13 -8.52 1.22 4.76
N LYS A 14 -8.89 2.05 5.78
CA LYS A 14 -7.89 2.96 6.46
C LYS A 14 -6.69 2.28 7.13
N HIS A 15 -6.89 1.09 7.65
CA HIS A 15 -5.82 0.36 8.35
C HIS A 15 -4.51 0.30 7.51
N GLN A 16 -4.62 0.34 6.18
CA GLN A 16 -3.43 0.27 5.30
C GLN A 16 -2.65 -1.02 5.59
N PRO A 17 -3.27 -2.16 5.40
CA PRO A 17 -2.66 -3.47 5.67
C PRO A 17 -1.40 -3.83 4.85
N GLY A 18 -1.42 -3.47 3.56
CA GLY A 18 -0.30 -3.78 2.64
C GLY A 18 1.03 -3.20 3.07
N GLY A 19 1.01 -2.00 3.62
CA GLY A 19 2.24 -1.33 4.03
C GLY A 19 2.77 -0.44 2.91
N GLY A 20 2.00 -0.39 1.81
CA GLY A 20 2.36 0.44 0.65
C GLY A 20 1.27 0.38 -0.40
N LYS A 21 1.45 1.13 -1.48
CA LYS A 21 0.51 1.13 -2.57
C LYS A 21 0.91 0.05 -3.55
N VAL A 22 1.95 -0.70 -3.17
CA VAL A 22 2.48 -1.75 -4.03
C VAL A 22 2.97 -1.11 -5.33
N GLN A 23 2.94 0.22 -5.40
CA GLN A 23 3.40 0.93 -6.52
C GLN A 23 4.88 1.13 -6.36
N ILE A 24 5.54 0.43 -5.42
CA ILE A 24 6.97 0.67 -5.19
C ILE A 24 7.72 0.76 -6.51
N ILE A 25 7.04 0.32 -7.56
CA ILE A 25 7.51 0.53 -8.92
C ILE A 25 7.27 2.01 -9.12
N ASN A 26 6.79 2.64 -8.05
CA ASN A 26 6.46 4.03 -8.11
C ASN A 26 7.71 4.74 -8.57
N LYS A 27 8.81 4.24 -8.03
CA LYS A 27 10.13 4.70 -8.40
C LYS A 27 10.58 3.84 -9.54
N LYS A 28 9.66 2.95 -9.95
CA LYS A 28 9.81 1.89 -11.01
C LYS A 28 10.93 0.99 -10.56
N LEU A 29 11.70 1.56 -9.65
CA LEU A 29 12.86 0.92 -9.05
C LEU A 29 13.52 -0.11 -10.00
N ASP A 30 13.15 -0.13 -11.30
CA ASP A 30 13.74 -1.13 -12.19
C ASP A 30 13.65 -0.80 -13.69
N LEU A 31 14.56 0.00 -14.25
CA LEU A 31 14.54 0.27 -15.70
C LEU A 31 15.72 -0.29 -16.47
N SER A 32 15.43 -0.92 -17.61
CA SER A 32 16.47 -1.48 -18.49
C SER A 32 17.61 -2.07 -17.71
N ASN A 33 17.36 -2.28 -16.44
CA ASN A 33 18.30 -2.90 -15.56
C ASN A 33 19.56 -2.08 -15.54
N VAL A 34 19.34 -0.76 -15.46
CA VAL A 34 20.40 0.23 -15.44
C VAL A 34 21.77 -0.44 -15.38
N GLN A 35 22.31 -0.71 -16.56
CA GLN A 35 23.60 -1.35 -16.70
C GLN A 35 24.64 -0.32 -17.11
N SER A 36 25.69 -0.74 -17.79
CA SER A 36 26.74 0.19 -18.20
C SER A 36 26.72 0.40 -19.71
N LYS A 37 26.97 1.65 -20.11
CA LYS A 37 26.98 2.01 -21.52
C LYS A 37 27.85 1.05 -22.33
N LYS A 1 -26.00 -6.25 20.29
CA LYS A 1 -25.48 -5.01 20.85
C LYS A 1 -24.95 -4.07 19.76
N ASN A 2 -25.36 -2.82 19.86
CA ASN A 2 -24.96 -1.75 18.94
C ASN A 2 -23.42 -1.64 18.88
N VAL A 3 -22.78 -1.96 20.01
CA VAL A 3 -21.32 -1.81 20.18
C VAL A 3 -20.47 -2.45 19.06
N LYS A 4 -20.94 -3.49 18.37
CA LYS A 4 -20.09 -4.13 17.33
C LYS A 4 -19.38 -3.09 16.44
N SER A 5 -18.77 -3.54 15.32
CA SER A 5 -17.98 -2.61 14.48
C SER A 5 -18.81 -1.44 14.00
N LYS A 6 -18.11 -0.38 13.66
CA LYS A 6 -18.77 0.83 13.20
C LYS A 6 -17.96 1.50 12.06
N ILE A 7 -17.59 2.74 12.27
CA ILE A 7 -16.81 3.54 11.35
C ILE A 7 -15.46 2.88 11.22
N GLY A 8 -15.10 2.20 12.29
CA GLY A 8 -13.90 1.45 12.34
C GLY A 8 -13.93 0.61 11.11
N SER A 9 -15.13 0.46 10.58
CA SER A 9 -15.30 -0.34 9.41
C SER A 9 -14.35 0.15 8.31
N THR A 10 -14.14 1.45 8.28
CA THR A 10 -13.23 2.10 7.33
C THR A 10 -11.82 1.54 7.50
N GLU A 11 -11.50 1.23 8.75
CA GLU A 11 -10.18 0.73 9.14
C GLU A 11 -9.90 -0.49 8.36
N ASN A 12 -10.95 -1.18 7.97
CA ASN A 12 -10.71 -2.37 7.23
C ASN A 12 -9.79 -1.98 6.12
N LEU A 13 -9.94 -0.81 5.57
CA LEU A 13 -8.97 -0.37 4.62
C LEU A 13 -7.98 0.65 5.21
N LYS A 14 -8.56 1.64 5.89
CA LYS A 14 -7.80 2.75 6.44
C LYS A 14 -6.68 2.27 7.32
N HIS A 15 -6.85 1.13 7.97
CA HIS A 15 -5.78 0.65 8.82
C HIS A 15 -4.43 0.61 8.11
N GLN A 16 -4.47 0.45 6.77
CA GLN A 16 -3.29 0.35 5.88
C GLN A 16 -2.84 -1.11 5.54
N PRO A 17 -3.37 -2.15 6.17
CA PRO A 17 -3.02 -3.50 5.70
C PRO A 17 -3.28 -3.66 4.20
N GLY A 18 -2.49 -4.52 3.59
CA GLY A 18 -2.54 -4.75 2.13
C GLY A 18 -1.40 -4.01 1.45
N GLY A 19 -0.62 -3.29 2.27
CA GLY A 19 0.56 -2.57 1.81
C GLY A 19 0.32 -1.42 0.85
N GLY A 20 1.13 -1.41 -0.22
CA GLY A 20 1.10 -0.35 -1.23
C GLY A 20 0.09 -0.56 -2.34
N LYS A 21 0.16 0.36 -3.31
CA LYS A 21 -0.71 0.39 -4.48
C LYS A 21 -0.21 -0.51 -5.61
N VAL A 22 0.88 -1.23 -5.37
CA VAL A 22 1.44 -2.09 -6.38
C VAL A 22 1.95 -1.25 -7.56
N GLN A 23 1.97 0.06 -7.38
CA GLN A 23 2.47 0.97 -8.32
C GLN A 23 3.97 0.91 -8.13
N ILE A 24 4.47 -0.17 -7.56
CA ILE A 24 5.91 -0.20 -7.36
C ILE A 24 6.52 0.05 -8.73
N ILE A 25 5.85 -0.50 -9.73
CA ILE A 25 6.21 -0.29 -11.12
C ILE A 25 5.95 1.16 -11.47
N ASN A 26 5.39 1.90 -10.51
CA ASN A 26 5.05 3.29 -10.77
C ASN A 26 6.25 4.02 -11.37
N LYS A 27 7.42 3.73 -10.81
CA LYS A 27 8.69 4.24 -11.29
C LYS A 27 9.24 3.23 -12.28
N LYS A 28 8.42 2.21 -12.49
CA LYS A 28 8.75 1.05 -13.30
C LYS A 28 10.04 0.50 -12.75
N LEU A 29 10.33 0.99 -11.54
CA LEU A 29 11.47 0.60 -10.73
C LEU A 29 12.55 -0.11 -11.56
N ASP A 30 12.70 0.29 -12.81
CA ASP A 30 13.69 -0.30 -13.70
C ASP A 30 14.40 0.77 -14.48
N LEU A 31 15.71 0.63 -14.47
CA LEU A 31 16.57 1.53 -15.17
C LEU A 31 16.97 0.79 -16.43
N SER A 32 16.92 1.49 -17.54
CA SER A 32 17.29 0.90 -18.80
C SER A 32 18.74 0.49 -18.66
N ASN A 33 19.31 0.87 -17.52
CA ASN A 33 20.70 0.62 -17.25
C ASN A 33 21.52 1.35 -18.28
N VAL A 34 21.11 2.59 -18.51
CA VAL A 34 21.79 3.42 -19.47
C VAL A 34 23.20 3.64 -18.99
N GLN A 35 24.14 3.44 -19.88
CA GLN A 35 25.54 3.58 -19.56
C GLN A 35 26.27 4.22 -20.73
N SER A 36 27.47 4.75 -20.48
CA SER A 36 28.23 5.40 -21.54
C SER A 36 28.57 4.42 -22.66
N LYS A 37 28.78 4.96 -23.86
CA LYS A 37 29.10 4.13 -25.01
C LYS A 37 30.40 3.36 -24.76
N LYS A 1 -27.43 -5.58 21.67
CA LYS A 1 -27.87 -4.22 21.96
C LYS A 1 -28.03 -3.45 20.65
N ASN A 2 -27.30 -2.35 20.51
CA ASN A 2 -27.34 -1.55 19.30
C ASN A 2 -25.96 -1.01 19.08
N VAL A 3 -24.98 -1.78 19.52
CA VAL A 3 -23.61 -1.36 19.34
C VAL A 3 -22.87 -2.49 18.67
N LYS A 4 -22.02 -2.11 17.76
CA LYS A 4 -21.28 -3.08 16.97
C LYS A 4 -20.12 -2.42 16.21
N SER A 5 -19.14 -1.93 16.97
CA SER A 5 -17.94 -1.26 16.44
C SER A 5 -17.92 -1.11 14.90
N LYS A 6 -18.99 -0.52 14.35
CA LYS A 6 -19.08 -0.28 12.91
C LYS A 6 -17.91 0.59 12.45
N ILE A 7 -17.48 1.46 13.33
CA ILE A 7 -16.38 2.39 13.11
C ILE A 7 -15.19 1.57 12.76
N GLY A 8 -15.18 0.36 13.27
CA GLY A 8 -14.15 -0.55 12.92
C GLY A 8 -14.12 -0.52 11.39
N SER A 9 -15.17 0.08 10.81
CA SER A 9 -15.25 0.18 9.39
C SER A 9 -13.95 0.80 8.92
N THR A 10 -13.42 1.69 9.75
CA THR A 10 -12.14 2.35 9.50
C THR A 10 -11.04 1.31 9.33
N GLU A 11 -11.19 0.19 10.04
CA GLU A 11 -10.16 -0.84 10.02
C GLU A 11 -9.91 -1.25 8.57
N ASN A 12 -10.97 -1.18 7.75
CA ASN A 12 -10.90 -1.49 6.31
C ASN A 12 -10.60 -0.23 5.48
N LEU A 13 -10.19 0.85 6.15
CA LEU A 13 -9.94 2.13 5.46
C LEU A 13 -9.21 1.95 4.10
N LYS A 14 -7.92 1.68 4.13
CA LYS A 14 -7.12 1.45 2.95
C LYS A 14 -5.95 0.57 3.37
N HIS A 15 -6.28 -0.41 4.22
CA HIS A 15 -5.31 -1.33 4.85
C HIS A 15 -3.86 -1.02 4.72
N GLN A 16 -3.56 0.27 4.76
CA GLN A 16 -2.20 0.69 4.87
C GLN A 16 -1.66 -0.08 6.08
N PRO A 17 -2.59 -0.53 6.95
CA PRO A 17 -2.25 -1.29 8.16
C PRO A 17 -1.32 -2.50 8.00
N GLY A 18 -1.26 -3.11 6.82
CA GLY A 18 -0.38 -4.26 6.68
C GLY A 18 -0.21 -4.73 5.24
N GLY A 19 -0.97 -4.16 4.31
CA GLY A 19 -0.84 -4.59 2.92
C GLY A 19 0.30 -3.86 2.22
N GLY A 20 0.54 -4.21 0.97
CA GLY A 20 1.58 -3.58 0.18
C GLY A 20 1.09 -2.36 -0.53
N LYS A 21 2.00 -1.79 -1.23
CA LYS A 21 1.77 -0.65 -2.05
C LYS A 21 2.08 -1.10 -3.47
N VAL A 22 1.38 -0.55 -4.44
CA VAL A 22 1.59 -0.93 -5.84
C VAL A 22 3.08 -0.96 -6.22
N GLN A 23 3.95 -0.68 -5.26
CA GLN A 23 5.35 -0.62 -5.51
C GLN A 23 5.93 -2.04 -5.52
N ILE A 24 5.14 -3.07 -5.74
CA ILE A 24 5.73 -4.41 -5.71
C ILE A 24 6.91 -4.39 -6.64
N ILE A 25 6.75 -3.69 -7.73
CA ILE A 25 7.83 -3.52 -8.67
C ILE A 25 8.89 -2.62 -8.01
N ASN A 26 8.58 -2.12 -6.81
CA ASN A 26 9.48 -1.16 -6.18
C ASN A 26 10.91 -1.65 -6.28
N LYS A 27 11.12 -2.93 -5.99
CA LYS A 27 12.45 -3.51 -6.10
C LYS A 27 12.90 -3.44 -7.56
N LYS A 28 11.93 -3.73 -8.44
CA LYS A 28 12.17 -3.72 -9.87
C LYS A 28 12.62 -2.34 -10.35
N LEU A 29 12.04 -1.30 -9.73
CA LEU A 29 12.31 0.08 -10.11
C LEU A 29 13.71 0.26 -10.69
N ASP A 30 13.87 -0.18 -11.93
CA ASP A 30 15.14 -0.07 -12.64
C ASP A 30 14.84 0.38 -14.06
N LEU A 31 15.69 1.24 -14.62
CA LEU A 31 15.41 1.74 -15.97
C LEU A 31 16.26 1.06 -17.04
N SER A 32 15.58 0.72 -18.13
CA SER A 32 16.19 0.10 -19.30
C SER A 32 17.22 -0.93 -18.96
N ASN A 33 17.36 -1.26 -17.69
CA ASN A 33 18.28 -2.31 -17.34
C ASN A 33 19.63 -1.88 -17.86
N VAL A 34 19.97 -0.65 -17.49
CA VAL A 34 21.17 0.02 -17.96
C VAL A 34 22.43 -0.83 -17.80
N GLN A 35 22.55 -1.59 -16.72
CA GLN A 35 23.73 -2.46 -16.55
C GLN A 35 24.95 -1.78 -17.20
N SER A 36 25.12 -0.49 -16.92
CA SER A 36 26.20 0.28 -17.55
C SER A 36 26.14 0.08 -19.07
N LYS A 37 26.85 0.93 -19.81
CA LYS A 37 26.83 0.81 -21.27
C LYS A 37 27.91 -0.15 -21.76
N LYS A 1 -26.46 -1.66 17.82
CA LYS A 1 -25.90 -0.56 18.61
C LYS A 1 -24.64 -0.04 17.92
N ASN A 2 -24.28 1.22 18.22
CA ASN A 2 -23.09 1.85 17.61
C ASN A 2 -21.82 1.03 17.82
N VAL A 3 -21.70 0.41 18.98
CA VAL A 3 -20.53 -0.40 19.32
C VAL A 3 -20.29 -1.51 18.28
N LYS A 4 -21.38 -1.98 17.69
CA LYS A 4 -21.35 -3.07 16.72
C LYS A 4 -20.06 -3.16 15.85
N SER A 5 -20.06 -2.55 14.68
CA SER A 5 -18.94 -2.60 13.75
C SER A 5 -17.63 -2.04 14.28
N LYS A 6 -17.69 -1.01 15.13
CA LYS A 6 -16.47 -0.34 15.63
C LYS A 6 -16.02 0.69 14.61
N ILE A 7 -16.72 0.69 13.50
CA ILE A 7 -16.42 1.59 12.41
C ILE A 7 -14.96 1.38 12.00
N GLY A 8 -14.31 0.41 12.67
CA GLY A 8 -12.98 0.01 12.27
C GLY A 8 -13.14 -0.49 10.87
N SER A 9 -14.31 -1.10 10.71
CA SER A 9 -14.70 -1.65 9.42
C SER A 9 -14.73 -0.57 8.39
N THR A 10 -15.11 0.63 8.79
CA THR A 10 -15.15 1.72 7.85
C THR A 10 -13.78 1.84 7.23
N GLU A 11 -12.76 1.62 8.05
CA GLU A 11 -11.41 1.72 7.55
C GLU A 11 -11.36 0.82 6.38
N ASN A 12 -11.15 -0.48 6.63
CA ASN A 12 -11.04 -1.39 5.53
C ASN A 12 -10.23 -0.65 4.52
N LEU A 13 -9.47 0.26 5.09
CA LEU A 13 -8.70 1.16 4.30
C LEU A 13 -7.74 2.00 5.17
N LYS A 14 -8.22 2.71 6.18
CA LYS A 14 -7.27 3.40 7.02
C LYS A 14 -6.69 2.33 7.94
N HIS A 15 -7.21 1.09 7.78
CA HIS A 15 -6.71 -0.06 8.50
C HIS A 15 -5.20 -0.23 8.17
N GLN A 16 -4.80 0.25 6.98
CA GLN A 16 -3.44 0.21 6.50
C GLN A 16 -2.82 -1.18 6.70
N PRO A 17 -3.38 -2.16 6.02
CA PRO A 17 -2.93 -3.57 6.12
C PRO A 17 -1.46 -3.74 5.74
N GLY A 18 -0.94 -2.78 4.96
CA GLY A 18 0.45 -2.83 4.49
C GLY A 18 0.91 -1.45 4.01
N GLY A 19 2.10 -1.39 3.41
CA GLY A 19 2.65 -0.10 2.93
C GLY A 19 3.25 -0.21 1.52
N GLY A 20 3.63 0.95 0.97
CA GLY A 20 4.20 1.02 -0.38
C GLY A 20 3.10 1.35 -1.37
N LYS A 21 1.90 1.53 -0.83
CA LYS A 21 0.72 1.83 -1.60
C LYS A 21 0.53 0.63 -2.46
N VAL A 22 0.89 -0.51 -1.91
CA VAL A 22 0.79 -1.72 -2.66
C VAL A 22 1.54 -1.56 -3.96
N GLN A 23 2.25 -0.40 -4.21
CA GLN A 23 2.95 -0.32 -5.43
C GLN A 23 4.42 -0.31 -5.00
N ILE A 24 5.31 -0.94 -5.77
CA ILE A 24 6.75 -0.93 -5.46
C ILE A 24 7.55 -0.17 -6.55
N ILE A 25 6.89 0.04 -7.68
CA ILE A 25 7.37 0.86 -8.80
C ILE A 25 7.41 2.28 -8.30
N ASN A 26 6.74 2.41 -7.18
CA ASN A 26 6.50 3.65 -6.49
C ASN A 26 7.82 4.39 -6.34
N LYS A 27 8.86 3.59 -6.08
CA LYS A 27 10.21 4.10 -5.99
C LYS A 27 10.81 3.95 -7.36
N LYS A 28 10.06 3.25 -8.18
CA LYS A 28 10.47 2.94 -9.52
C LYS A 28 11.66 2.00 -9.39
N LEU A 29 11.43 0.93 -8.61
CA LEU A 29 12.45 -0.06 -8.34
C LEU A 29 13.03 -0.62 -9.61
N ASP A 30 12.23 -0.75 -10.65
CA ASP A 30 12.76 -1.32 -11.89
C ASP A 30 13.61 -0.30 -12.60
N LEU A 31 14.85 -0.74 -12.71
CA LEU A 31 15.92 -0.01 -13.34
C LEU A 31 16.10 -0.57 -14.72
N SER A 32 16.29 0.27 -15.69
CA SER A 32 16.44 -0.17 -17.05
C SER A 32 17.83 -0.73 -17.20
N ASN A 33 18.49 -0.88 -16.06
CA ASN A 33 19.84 -1.40 -16.04
C ASN A 33 20.75 -0.49 -16.85
N VAL A 34 20.61 0.81 -16.61
CA VAL A 34 21.42 1.75 -17.34
C VAL A 34 22.88 1.39 -17.10
N GLN A 35 23.59 1.22 -18.21
CA GLN A 35 24.99 0.83 -18.16
C GLN A 35 25.75 1.53 -19.27
N SER A 36 27.07 1.53 -19.17
CA SER A 36 27.91 2.18 -20.17
C SER A 36 28.75 1.13 -20.91
N LYS A 37 28.94 1.35 -22.21
CA LYS A 37 29.71 0.42 -23.02
C LYS A 37 31.20 0.57 -22.74
N LYS A 1 -26.05 -3.88 16.66
CA LYS A 1 -27.03 -3.21 17.52
C LYS A 1 -27.26 -1.81 16.95
N ASN A 2 -27.77 -0.91 17.77
CA ASN A 2 -27.94 0.46 17.35
C ASN A 2 -26.56 0.90 16.98
N VAL A 3 -25.65 0.42 17.83
CA VAL A 3 -24.26 0.66 17.67
C VAL A 3 -23.49 -0.64 17.81
N LYS A 4 -22.53 -0.77 16.96
CA LYS A 4 -21.64 -1.93 16.91
C LYS A 4 -20.19 -1.46 16.81
N SER A 5 -19.24 -2.37 16.98
CA SER A 5 -17.84 -1.99 16.90
C SER A 5 -17.58 -1.31 15.56
N LYS A 6 -18.26 -1.79 14.52
CA LYS A 6 -18.15 -1.19 13.19
C LYS A 6 -16.73 -1.29 12.65
N ILE A 7 -16.17 -2.52 12.63
CA ILE A 7 -14.80 -2.75 12.12
C ILE A 7 -13.97 -1.47 12.15
N GLY A 8 -14.27 -0.67 13.16
CA GLY A 8 -13.61 0.58 13.39
C GLY A 8 -13.73 1.48 12.19
N SER A 9 -14.39 0.97 11.15
CA SER A 9 -14.51 1.73 9.91
C SER A 9 -13.11 1.82 9.31
N THR A 10 -12.14 1.91 10.23
CA THR A 10 -10.73 1.98 9.94
C THR A 10 -10.25 0.77 9.14
N GLU A 11 -10.81 -0.34 9.53
CA GLU A 11 -10.49 -1.64 8.96
C GLU A 11 -10.82 -1.69 7.50
N ASN A 12 -11.78 -0.88 7.14
CA ASN A 12 -12.26 -0.85 5.79
C ASN A 12 -11.12 -0.67 4.78
N LEU A 13 -10.13 0.11 5.16
CA LEU A 13 -9.00 0.39 4.26
C LEU A 13 -8.04 1.40 4.90
N LYS A 14 -8.57 2.23 5.78
CA LYS A 14 -7.76 3.21 6.47
C LYS A 14 -6.67 2.48 7.17
N HIS A 15 -6.98 1.24 7.55
CA HIS A 15 -5.99 0.45 8.24
C HIS A 15 -4.70 0.48 7.40
N GLN A 16 -4.85 0.82 6.12
CA GLN A 16 -3.74 0.95 5.19
C GLN A 16 -2.97 -0.36 4.99
N PRO A 17 -3.62 -1.34 4.44
CA PRO A 17 -3.03 -2.66 4.17
C PRO A 17 -1.84 -2.52 3.21
N GLY A 18 -1.80 -1.36 2.57
CA GLY A 18 -0.79 -1.02 1.58
C GLY A 18 0.64 -1.22 2.06
N GLY A 19 0.93 -1.02 3.36
CA GLY A 19 2.31 -1.20 3.81
C GLY A 19 2.88 -2.44 3.14
N GLY A 20 4.04 -2.30 2.50
CA GLY A 20 4.61 -3.43 1.75
C GLY A 20 3.85 -3.57 0.51
N LYS A 21 3.61 -2.47 -0.12
CA LYS A 21 2.86 -2.56 -1.31
C LYS A 21 3.69 -3.52 -2.16
N VAL A 22 3.03 -4.55 -2.67
CA VAL A 22 3.67 -5.59 -3.51
C VAL A 22 4.55 -4.96 -4.59
N GLN A 23 4.68 -3.66 -4.49
CA GLN A 23 5.33 -2.90 -5.47
C GLN A 23 6.84 -2.96 -5.38
N ILE A 24 7.42 -4.10 -5.02
CA ILE A 24 8.86 -4.15 -4.99
C ILE A 24 9.27 -3.67 -6.38
N ILE A 25 8.42 -4.05 -7.32
CA ILE A 25 8.49 -3.65 -8.73
C ILE A 25 8.40 -2.13 -8.79
N ASN A 26 7.90 -1.51 -7.70
CA ASN A 26 7.69 -0.06 -7.70
C ASN A 26 8.91 0.65 -8.28
N LYS A 27 10.10 0.19 -7.89
CA LYS A 27 11.36 0.71 -8.42
C LYS A 27 11.74 -0.11 -9.62
N LYS A 28 10.84 -1.06 -9.91
CA LYS A 28 11.02 -2.05 -10.96
C LYS A 28 12.38 -2.67 -10.71
N LEU A 29 12.81 -2.47 -9.47
CA LEU A 29 14.07 -2.96 -8.92
C LEU A 29 14.73 -3.98 -9.84
N ASP A 30 15.03 -3.57 -11.07
CA ASP A 30 15.65 -4.46 -12.03
C ASP A 30 16.67 -3.74 -12.86
N LEU A 31 17.89 -3.89 -12.43
CA LEU A 31 19.00 -3.32 -13.12
C LEU A 31 19.67 -4.45 -13.87
N SER A 32 19.96 -4.21 -15.12
CA SER A 32 20.61 -5.21 -15.95
C SER A 32 21.94 -5.47 -15.31
N ASN A 33 22.21 -4.64 -14.31
CA ASN A 33 23.45 -4.68 -13.58
C ASN A 33 24.58 -4.36 -14.55
N VAL A 34 24.32 -3.35 -15.35
CA VAL A 34 25.26 -2.87 -16.35
C VAL A 34 26.50 -2.30 -15.66
N GLN A 35 27.29 -3.19 -15.05
CA GLN A 35 28.48 -2.77 -14.33
C GLN A 35 29.42 -1.98 -15.24
N SER A 36 29.47 -2.37 -16.52
CA SER A 36 30.35 -1.69 -17.47
C SER A 36 29.53 -1.01 -18.57
N LYS A 37 30.01 0.16 -19.01
CA LYS A 37 29.33 0.91 -20.06
C LYS A 37 28.87 -0.02 -21.18
N LYS A 1 -26.72 -4.04 20.04
CA LYS A 1 -27.70 -3.12 19.51
C LYS A 1 -27.55 -3.03 17.99
N ASN A 2 -27.48 -1.80 17.48
CA ASN A 2 -27.28 -1.56 16.07
C ASN A 2 -26.07 -0.67 15.95
N VAL A 3 -25.36 -0.56 17.08
CA VAL A 3 -24.15 0.21 17.13
C VAL A 3 -23.10 -0.67 17.77
N LYS A 4 -21.90 -0.60 17.24
CA LYS A 4 -20.82 -1.43 17.74
C LYS A 4 -19.50 -1.16 17.00
N SER A 5 -18.67 -2.20 17.00
CA SER A 5 -17.35 -2.22 16.38
C SER A 5 -17.42 -1.90 14.88
N LYS A 6 -18.60 -2.03 14.31
CA LYS A 6 -18.78 -1.86 12.88
C LYS A 6 -18.21 -0.55 12.37
N ILE A 7 -18.26 0.53 13.11
CA ILE A 7 -17.65 1.76 12.61
C ILE A 7 -16.21 1.49 12.32
N GLY A 8 -15.66 0.61 13.13
CA GLY A 8 -14.33 0.15 12.92
C GLY A 8 -14.27 -0.33 11.48
N SER A 9 -15.43 -0.29 10.79
CA SER A 9 -15.49 -0.77 9.46
C SER A 9 -14.47 0.03 8.66
N THR A 10 -14.36 1.31 9.02
CA THR A 10 -13.36 2.19 8.44
C THR A 10 -11.96 1.75 8.81
N GLU A 11 -11.86 1.27 10.06
CA GLU A 11 -10.59 0.88 10.67
C GLU A 11 -9.86 -0.24 9.94
N ASN A 12 -10.54 -1.20 9.30
CA ASN A 12 -9.78 -2.26 8.62
C ASN A 12 -9.30 -1.87 7.24
N LEU A 13 -9.54 -0.63 6.87
CA LEU A 13 -9.03 -0.05 5.62
C LEU A 13 -7.49 0.15 5.56
N LYS A 14 -6.93 0.58 6.73
CA LYS A 14 -5.48 0.95 6.91
C LYS A 14 -4.30 -0.01 6.69
N HIS A 15 -4.36 -1.20 7.13
CA HIS A 15 -3.17 -2.11 6.98
C HIS A 15 -2.51 -1.80 5.61
N GLN A 16 -3.38 -1.43 4.67
CA GLN A 16 -3.02 -0.98 3.34
C GLN A 16 -3.83 0.33 3.14
N PRO A 17 -3.52 1.33 3.92
CA PRO A 17 -4.29 2.61 3.88
C PRO A 17 -4.30 3.24 2.49
N GLY A 18 -3.31 2.83 1.71
CA GLY A 18 -3.10 3.35 0.37
C GLY A 18 -1.62 3.26 0.05
N GLY A 19 -1.01 2.20 0.59
CA GLY A 19 0.40 1.94 0.43
C GLY A 19 0.68 1.23 -0.90
N GLY A 20 1.92 0.78 -1.08
CA GLY A 20 2.29 0.13 -2.33
C GLY A 20 1.15 -0.69 -2.91
N LYS A 21 1.26 -0.84 -4.20
CA LYS A 21 0.33 -1.59 -5.00
C LYS A 21 0.79 -3.02 -4.91
N VAL A 22 1.75 -3.19 -4.01
CA VAL A 22 2.40 -4.46 -3.80
C VAL A 22 3.16 -4.79 -5.06
N GLN A 23 3.21 -3.80 -5.97
CA GLN A 23 4.01 -3.96 -7.15
C GLN A 23 5.29 -3.28 -6.74
N ILE A 24 6.39 -3.98 -6.64
CA ILE A 24 7.56 -3.29 -6.18
C ILE A 24 7.99 -2.23 -7.19
N ILE A 25 7.65 -2.46 -8.45
CA ILE A 25 7.99 -1.55 -9.54
C ILE A 25 7.24 -0.24 -9.39
N ASN A 26 6.28 -0.18 -8.48
CA ASN A 26 5.52 1.04 -8.34
C ASN A 26 6.49 2.20 -8.13
N LYS A 27 7.55 1.96 -7.35
CA LYS A 27 8.59 2.96 -7.17
C LYS A 27 9.58 2.81 -8.31
N LYS A 28 9.30 1.79 -9.13
CA LYS A 28 10.14 1.44 -10.27
C LYS A 28 11.51 1.02 -9.75
N LEU A 29 11.45 0.22 -8.69
CA LEU A 29 12.62 -0.31 -8.02
C LEU A 29 13.48 -1.14 -8.96
N ASP A 30 12.84 -1.82 -9.91
CA ASP A 30 13.58 -2.72 -10.79
C ASP A 30 14.41 -1.98 -11.81
N LEU A 31 15.69 -2.28 -11.68
CA LEU A 31 16.75 -1.75 -12.49
C LEU A 31 17.09 -2.81 -13.53
N SER A 32 17.32 -2.36 -14.75
CA SER A 32 17.63 -3.29 -15.82
C SER A 32 19.06 -3.73 -15.64
N ASN A 33 19.61 -3.36 -14.48
CA ASN A 33 20.98 -3.71 -14.12
C ASN A 33 21.95 -3.12 -15.11
N VAL A 34 21.74 -1.84 -15.46
CA VAL A 34 22.58 -1.10 -16.42
C VAL A 34 24.05 -1.52 -16.36
N GLN A 35 24.29 -2.79 -16.62
CA GLN A 35 25.63 -3.36 -16.58
C GLN A 35 26.57 -2.65 -17.57
N SER A 36 26.01 -2.27 -18.73
CA SER A 36 26.81 -1.60 -19.76
C SER A 36 28.17 -2.27 -19.93
N LYS A 37 28.95 -1.79 -20.90
CA LYS A 37 30.27 -2.36 -21.15
C LYS A 37 31.21 -2.03 -20.00
N LYS A 1 -26.10 -4.98 20.14
CA LYS A 1 -27.00 -3.89 19.80
C LYS A 1 -26.77 -3.50 18.35
N ASN A 2 -26.64 -2.19 18.10
CA ASN A 2 -26.36 -1.71 16.77
C ASN A 2 -25.05 -0.94 16.84
N VAL A 3 -24.40 -1.07 18.00
CA VAL A 3 -23.12 -0.44 18.23
C VAL A 3 -22.07 -1.50 18.44
N LYS A 4 -20.97 -1.33 17.77
CA LYS A 4 -19.87 -2.28 17.86
C LYS A 4 -18.61 -1.77 17.13
N SER A 5 -17.76 -2.73 16.80
CA SER A 5 -16.50 -2.51 16.11
C SER A 5 -16.66 -1.78 14.75
N LYS A 6 -17.81 -2.00 14.10
CA LYS A 6 -18.09 -1.46 12.77
C LYS A 6 -17.22 -0.23 12.37
N ILE A 7 -17.19 0.77 13.16
CA ILE A 7 -16.41 2.00 12.88
C ILE A 7 -15.20 1.70 11.99
N GLY A 8 -14.25 0.92 12.48
CA GLY A 8 -13.12 0.55 11.67
C GLY A 8 -13.65 -0.02 10.38
N SER A 9 -14.84 -0.59 10.50
CA SER A 9 -15.50 -1.18 9.36
C SER A 9 -15.61 -0.12 8.27
N THR A 10 -15.83 1.10 8.72
CA THR A 10 -15.87 2.22 7.80
C THR A 10 -14.59 2.24 7.03
N GLU A 11 -13.55 1.95 7.77
CA GLU A 11 -12.24 1.98 7.22
C GLU A 11 -11.94 0.64 6.61
N ASN A 12 -11.44 -0.24 7.48
CA ASN A 12 -10.89 -1.49 7.04
C ASN A 12 -9.92 -0.89 6.06
N LEU A 13 -9.52 0.33 6.50
CA LEU A 13 -8.70 1.18 5.71
C LEU A 13 -7.55 1.78 6.52
N LYS A 14 -7.71 1.88 7.83
CA LYS A 14 -6.61 2.39 8.63
C LYS A 14 -5.69 1.23 8.86
N HIS A 15 -6.12 0.09 8.28
CA HIS A 15 -5.36 -1.15 8.27
C HIS A 15 -4.02 -0.92 7.55
N GLN A 16 -4.00 0.03 6.58
CA GLN A 16 -2.80 0.31 5.80
C GLN A 16 -2.26 -1.01 5.26
N PRO A 17 -3.00 -1.62 4.37
CA PRO A 17 -2.66 -2.94 3.81
C PRO A 17 -1.28 -3.02 3.17
N GLY A 18 -0.77 -1.90 2.69
CA GLY A 18 0.55 -1.89 2.06
C GLY A 18 1.66 -1.52 3.03
N GLY A 19 1.70 -0.25 3.38
CA GLY A 19 2.73 0.26 4.30
C GLY A 19 3.91 0.76 3.50
N GLY A 20 3.77 0.71 2.18
CA GLY A 20 4.81 1.15 1.27
C GLY A 20 4.27 2.13 0.27
N LYS A 21 3.59 1.60 -0.75
CA LYS A 21 3.00 2.39 -1.85
C LYS A 21 3.67 1.88 -3.13
N VAL A 22 3.42 2.52 -4.26
CA VAL A 22 4.03 2.09 -5.51
C VAL A 22 5.55 2.00 -5.37
N GLN A 23 6.13 2.82 -4.50
CA GLN A 23 7.53 2.88 -4.26
C GLN A 23 8.06 1.62 -3.57
N ILE A 24 7.33 0.49 -3.59
CA ILE A 24 7.92 -0.69 -2.93
C ILE A 24 9.26 -0.87 -3.59
N ILE A 25 9.25 -0.59 -4.86
CA ILE A 25 10.42 -0.63 -5.67
C ILE A 25 11.34 0.54 -5.28
N ASN A 26 10.90 1.40 -4.36
CA ASN A 26 11.72 2.56 -4.03
C ASN A 26 13.14 2.06 -3.81
N LYS A 27 13.22 0.91 -3.12
CA LYS A 27 14.48 0.27 -2.86
C LYS A 27 15.14 -0.07 -4.18
N LYS A 28 14.30 -0.47 -5.12
CA LYS A 28 14.78 -0.85 -6.45
C LYS A 28 15.52 0.30 -7.10
N LEU A 29 15.13 1.53 -6.80
CA LEU A 29 15.75 2.63 -7.49
C LEU A 29 17.18 2.72 -7.05
N ASP A 30 18.02 2.68 -8.07
CA ASP A 30 19.45 2.66 -7.92
C ASP A 30 20.09 3.11 -9.24
N LEU A 31 19.26 3.68 -10.10
CA LEU A 31 19.68 4.16 -11.41
C LEU A 31 20.10 2.95 -12.24
N SER A 32 21.11 3.12 -13.08
CA SER A 32 21.62 2.05 -13.90
C SER A 32 22.62 1.27 -13.08
N ASN A 33 22.75 1.67 -11.82
CA ASN A 33 23.73 1.06 -10.94
C ASN A 33 25.04 1.34 -11.59
N VAL A 34 25.08 2.59 -12.03
CA VAL A 34 26.19 3.19 -12.72
C VAL A 34 27.47 3.10 -11.89
N GLN A 35 27.83 1.87 -11.53
CA GLN A 35 29.02 1.61 -10.75
C GLN A 35 30.24 2.12 -11.49
N SER A 36 30.18 2.02 -12.82
CA SER A 36 31.26 2.49 -13.68
C SER A 36 30.78 3.67 -14.50
N LYS A 37 31.66 4.64 -14.71
CA LYS A 37 31.28 5.82 -15.48
C LYS A 37 30.44 5.44 -16.69
#